data_1I9W
# 
_entry.id   1I9W 
# 
_audit_conform.dict_name       mmcif_pdbx.dic 
_audit_conform.dict_version    5.386 
_audit_conform.dict_location   http://mmcif.pdb.org/dictionaries/ascii/mmcif_pdbx.dic 
# 
loop_
_database_2.database_id 
_database_2.database_code 
_database_2.pdbx_database_accession 
_database_2.pdbx_DOI 
PDB   1I9W         pdb_00001i9w 10.2210/pdb1i9w/pdb 
RCSB  RCSB013087   ?            ?                   
WWPDB D_1000013087 ?            ?                   
# 
loop_
_pdbx_audit_revision_history.ordinal 
_pdbx_audit_revision_history.data_content_type 
_pdbx_audit_revision_history.major_revision 
_pdbx_audit_revision_history.minor_revision 
_pdbx_audit_revision_history.revision_date 
1 'Structure model' 1 0 2002-04-06 
2 'Structure model' 1 1 2008-04-27 
3 'Structure model' 1 2 2011-07-13 
4 'Structure model' 1 3 2017-02-08 
5 'Structure model' 1 4 2024-02-07 
# 
_pdbx_audit_revision_details.ordinal             1 
_pdbx_audit_revision_details.revision_ordinal    1 
_pdbx_audit_revision_details.data_content_type   'Structure model' 
_pdbx_audit_revision_details.provider            repository 
_pdbx_audit_revision_details.type                'Initial release' 
_pdbx_audit_revision_details.description         ? 
_pdbx_audit_revision_details.details             ? 
# 
loop_
_pdbx_audit_revision_group.ordinal 
_pdbx_audit_revision_group.revision_ordinal 
_pdbx_audit_revision_group.data_content_type 
_pdbx_audit_revision_group.group 
1 2 'Structure model' 'Version format compliance' 
2 3 'Structure model' 'Version format compliance' 
3 4 'Structure model' 'Structure summary'         
4 5 'Structure model' 'Data collection'           
5 5 'Structure model' 'Database references'       
# 
loop_
_pdbx_audit_revision_category.ordinal 
_pdbx_audit_revision_category.revision_ordinal 
_pdbx_audit_revision_category.data_content_type 
_pdbx_audit_revision_category.category 
1 5 'Structure model' chem_comp_atom 
2 5 'Structure model' chem_comp_bond 
3 5 'Structure model' database_2     
# 
loop_
_pdbx_audit_revision_item.ordinal 
_pdbx_audit_revision_item.revision_ordinal 
_pdbx_audit_revision_item.data_content_type 
_pdbx_audit_revision_item.item 
1 5 'Structure model' '_database_2.pdbx_DOI'                
2 5 'Structure model' '_database_2.pdbx_database_accession' 
# 
_pdbx_database_status.status_code                     REL 
_pdbx_database_status.entry_id                        1I9W 
_pdbx_database_status.recvd_initial_deposition_date   2001-03-21 
_pdbx_database_status.deposit_site                    RCSB 
_pdbx_database_status.process_site                    RCSB 
_pdbx_database_status.status_code_sf                  REL 
_pdbx_database_status.SG_entry                        . 
_pdbx_database_status.status_code_mr                  ? 
_pdbx_database_status.status_code_cs                  ? 
_pdbx_database_status.methods_development_category    ? 
_pdbx_database_status.pdb_format_compatible           Y 
_pdbx_database_status.status_code_nmr_data            ? 
# 
loop_
_audit_author.name 
_audit_author.pdbx_ordinal 
'Lescar, J.'   1 
'Roussel, A.'  2 
'Wien, M.W.'   3 
'Navaza, J.'   4 
'Fuller, S.D.' 5 
'Wengler, G.'  6 
'Wengler, G.'  7 
'Rey, F.A.'    8 
# 
_citation.id                        primary 
_citation.title                     
'The Fusion glycoprotein shell of Semliki Forest virus: an icosahedral assembly primed for fusogenic activation at endosomal pH.' 
_citation.journal_abbrev            'Cell(Cambridge,Mass.)' 
_citation.journal_volume            105 
_citation.page_first                137 
_citation.page_last                 148 
_citation.year                      2001 
_citation.journal_id_ASTM           CELLB5 
_citation.country                   US 
_citation.journal_id_ISSN           0092-8674 
_citation.journal_id_CSD            0998 
_citation.book_publisher            ? 
_citation.pdbx_database_id_PubMed   11301009 
_citation.pdbx_database_id_DOI      '10.1016/S0092-8674(01)00303-8' 
# 
loop_
_citation_author.citation_id 
_citation_author.name 
_citation_author.ordinal 
_citation_author.identifier_ORCID 
primary 'Lescar, J.'   1 ? 
primary 'Roussel, A.'  2 ? 
primary 'Wien, M.W.'   3 ? 
primary 'Navaza, J.'   4 ? 
primary 'Fuller, S.D.' 5 ? 
primary 'Wengler, G.'  6 ? 
primary 'Wengler, G.'  7 ? 
primary 'Rey, F.A.'    8 ? 
# 
_entity.id                         1 
_entity.type                       polymer 
_entity.src_method                 nat 
_entity.pdbx_description           'FUSION PROTEIN E1' 
_entity.formula_weight             42619.047 
_entity.pdbx_number_of_molecules   1 
_entity.pdbx_ec                    ? 
_entity.pdbx_mutation              ? 
_entity.pdbx_fragment              ? 
_entity.details                    ? 
# 
_entity_name_com.entity_id   1 
_entity_name_com.name        'SPIKE GLYCOPROTEIN E1' 
# 
_entity_poly.entity_id                      1 
_entity_poly.type                           'polypeptide(L)' 
_entity_poly.nstd_linkage                   no 
_entity_poly.nstd_monomer                   no 
_entity_poly.pdbx_seq_one_letter_code       
;YEHSTVMPNVVGFPYKAHIERPGYSPLTLQMQVVETSLEPTLNLEYITCEYKTVVPSPYVKCCGASECSTKEKPDYQCKV
YTGVYPFMWGGAYCFCDSENTQLSEAYVDRSDVCRHDHASAYKAHTASLKAKVRVMYGNVNQTVDVYVNGDHAVTIGGTQ
FIFGPLSSAWTPFDNKIVVYKDEVFNQDFPPYGSGQPGRFGDIQSRTVESNDLYANTALKLARPSPGMVHVPYTQTPSGF
KYWLKEKGTALNTKAPFGCQIKTNPVRAMNCAVGNIPVSMNLPDSAFTRIVEAPTIIDLTCTVATCTHSSDFGGVLTLTY
KTNKNGDCSVHSHSNVATLQEATAKVKTAGKVTLHFSTASASPSFVVSLCSARATCSASCEPPKDHIVPY
;
_entity_poly.pdbx_seq_one_letter_code_can   
;YEHSTVMPNVVGFPYKAHIERPGYSPLTLQMQVVETSLEPTLNLEYITCEYKTVVPSPYVKCCGASECSTKEKPDYQCKV
YTGVYPFMWGGAYCFCDSENTQLSEAYVDRSDVCRHDHASAYKAHTASLKAKVRVMYGNVNQTVDVYVNGDHAVTIGGTQ
FIFGPLSSAWTPFDNKIVVYKDEVFNQDFPPYGSGQPGRFGDIQSRTVESNDLYANTALKLARPSPGMVHVPYTQTPSGF
KYWLKEKGTALNTKAPFGCQIKTNPVRAMNCAVGNIPVSMNLPDSAFTRIVEAPTIIDLTCTVATCTHSSDFGGVLTLTY
KTNKNGDCSVHSHSNVATLQEATAKVKTAGKVTLHFSTASASPSFVVSLCSARATCSASCEPPKDHIVPY
;
_entity_poly.pdbx_strand_id                 A 
_entity_poly.pdbx_target_identifier         ? 
# 
loop_
_entity_poly_seq.entity_id 
_entity_poly_seq.num 
_entity_poly_seq.mon_id 
_entity_poly_seq.hetero 
1 1   TYR n 
1 2   GLU n 
1 3   HIS n 
1 4   SER n 
1 5   THR n 
1 6   VAL n 
1 7   MET n 
1 8   PRO n 
1 9   ASN n 
1 10  VAL n 
1 11  VAL n 
1 12  GLY n 
1 13  PHE n 
1 14  PRO n 
1 15  TYR n 
1 16  LYS n 
1 17  ALA n 
1 18  HIS n 
1 19  ILE n 
1 20  GLU n 
1 21  ARG n 
1 22  PRO n 
1 23  GLY n 
1 24  TYR n 
1 25  SER n 
1 26  PRO n 
1 27  LEU n 
1 28  THR n 
1 29  LEU n 
1 30  GLN n 
1 31  MET n 
1 32  GLN n 
1 33  VAL n 
1 34  VAL n 
1 35  GLU n 
1 36  THR n 
1 37  SER n 
1 38  LEU n 
1 39  GLU n 
1 40  PRO n 
1 41  THR n 
1 42  LEU n 
1 43  ASN n 
1 44  LEU n 
1 45  GLU n 
1 46  TYR n 
1 47  ILE n 
1 48  THR n 
1 49  CYS n 
1 50  GLU n 
1 51  TYR n 
1 52  LYS n 
1 53  THR n 
1 54  VAL n 
1 55  VAL n 
1 56  PRO n 
1 57  SER n 
1 58  PRO n 
1 59  TYR n 
1 60  VAL n 
1 61  LYS n 
1 62  CYS n 
1 63  CYS n 
1 64  GLY n 
1 65  ALA n 
1 66  SER n 
1 67  GLU n 
1 68  CYS n 
1 69  SER n 
1 70  THR n 
1 71  LYS n 
1 72  GLU n 
1 73  LYS n 
1 74  PRO n 
1 75  ASP n 
1 76  TYR n 
1 77  GLN n 
1 78  CYS n 
1 79  LYS n 
1 80  VAL n 
1 81  TYR n 
1 82  THR n 
1 83  GLY n 
1 84  VAL n 
1 85  TYR n 
1 86  PRO n 
1 87  PHE n 
1 88  MET n 
1 89  TRP n 
1 90  GLY n 
1 91  GLY n 
1 92  ALA n 
1 93  TYR n 
1 94  CYS n 
1 95  PHE n 
1 96  CYS n 
1 97  ASP n 
1 98  SER n 
1 99  GLU n 
1 100 ASN n 
1 101 THR n 
1 102 GLN n 
1 103 LEU n 
1 104 SER n 
1 105 GLU n 
1 106 ALA n 
1 107 TYR n 
1 108 VAL n 
1 109 ASP n 
1 110 ARG n 
1 111 SER n 
1 112 ASP n 
1 113 VAL n 
1 114 CYS n 
1 115 ARG n 
1 116 HIS n 
1 117 ASP n 
1 118 HIS n 
1 119 ALA n 
1 120 SER n 
1 121 ALA n 
1 122 TYR n 
1 123 LYS n 
1 124 ALA n 
1 125 HIS n 
1 126 THR n 
1 127 ALA n 
1 128 SER n 
1 129 LEU n 
1 130 LYS n 
1 131 ALA n 
1 132 LYS n 
1 133 VAL n 
1 134 ARG n 
1 135 VAL n 
1 136 MET n 
1 137 TYR n 
1 138 GLY n 
1 139 ASN n 
1 140 VAL n 
1 141 ASN n 
1 142 GLN n 
1 143 THR n 
1 144 VAL n 
1 145 ASP n 
1 146 VAL n 
1 147 TYR n 
1 148 VAL n 
1 149 ASN n 
1 150 GLY n 
1 151 ASP n 
1 152 HIS n 
1 153 ALA n 
1 154 VAL n 
1 155 THR n 
1 156 ILE n 
1 157 GLY n 
1 158 GLY n 
1 159 THR n 
1 160 GLN n 
1 161 PHE n 
1 162 ILE n 
1 163 PHE n 
1 164 GLY n 
1 165 PRO n 
1 166 LEU n 
1 167 SER n 
1 168 SER n 
1 169 ALA n 
1 170 TRP n 
1 171 THR n 
1 172 PRO n 
1 173 PHE n 
1 174 ASP n 
1 175 ASN n 
1 176 LYS n 
1 177 ILE n 
1 178 VAL n 
1 179 VAL n 
1 180 TYR n 
1 181 LYS n 
1 182 ASP n 
1 183 GLU n 
1 184 VAL n 
1 185 PHE n 
1 186 ASN n 
1 187 GLN n 
1 188 ASP n 
1 189 PHE n 
1 190 PRO n 
1 191 PRO n 
1 192 TYR n 
1 193 GLY n 
1 194 SER n 
1 195 GLY n 
1 196 GLN n 
1 197 PRO n 
1 198 GLY n 
1 199 ARG n 
1 200 PHE n 
1 201 GLY n 
1 202 ASP n 
1 203 ILE n 
1 204 GLN n 
1 205 SER n 
1 206 ARG n 
1 207 THR n 
1 208 VAL n 
1 209 GLU n 
1 210 SER n 
1 211 ASN n 
1 212 ASP n 
1 213 LEU n 
1 214 TYR n 
1 215 ALA n 
1 216 ASN n 
1 217 THR n 
1 218 ALA n 
1 219 LEU n 
1 220 LYS n 
1 221 LEU n 
1 222 ALA n 
1 223 ARG n 
1 224 PRO n 
1 225 SER n 
1 226 PRO n 
1 227 GLY n 
1 228 MET n 
1 229 VAL n 
1 230 HIS n 
1 231 VAL n 
1 232 PRO n 
1 233 TYR n 
1 234 THR n 
1 235 GLN n 
1 236 THR n 
1 237 PRO n 
1 238 SER n 
1 239 GLY n 
1 240 PHE n 
1 241 LYS n 
1 242 TYR n 
1 243 TRP n 
1 244 LEU n 
1 245 LYS n 
1 246 GLU n 
1 247 LYS n 
1 248 GLY n 
1 249 THR n 
1 250 ALA n 
1 251 LEU n 
1 252 ASN n 
1 253 THR n 
1 254 LYS n 
1 255 ALA n 
1 256 PRO n 
1 257 PHE n 
1 258 GLY n 
1 259 CYS n 
1 260 GLN n 
1 261 ILE n 
1 262 LYS n 
1 263 THR n 
1 264 ASN n 
1 265 PRO n 
1 266 VAL n 
1 267 ARG n 
1 268 ALA n 
1 269 MET n 
1 270 ASN n 
1 271 CYS n 
1 272 ALA n 
1 273 VAL n 
1 274 GLY n 
1 275 ASN n 
1 276 ILE n 
1 277 PRO n 
1 278 VAL n 
1 279 SER n 
1 280 MET n 
1 281 ASN n 
1 282 LEU n 
1 283 PRO n 
1 284 ASP n 
1 285 SER n 
1 286 ALA n 
1 287 PHE n 
1 288 THR n 
1 289 ARG n 
1 290 ILE n 
1 291 VAL n 
1 292 GLU n 
1 293 ALA n 
1 294 PRO n 
1 295 THR n 
1 296 ILE n 
1 297 ILE n 
1 298 ASP n 
1 299 LEU n 
1 300 THR n 
1 301 CYS n 
1 302 THR n 
1 303 VAL n 
1 304 ALA n 
1 305 THR n 
1 306 CYS n 
1 307 THR n 
1 308 HIS n 
1 309 SER n 
1 310 SER n 
1 311 ASP n 
1 312 PHE n 
1 313 GLY n 
1 314 GLY n 
1 315 VAL n 
1 316 LEU n 
1 317 THR n 
1 318 LEU n 
1 319 THR n 
1 320 TYR n 
1 321 LYS n 
1 322 THR n 
1 323 ASN n 
1 324 LYS n 
1 325 ASN n 
1 326 GLY n 
1 327 ASP n 
1 328 CYS n 
1 329 SER n 
1 330 VAL n 
1 331 HIS n 
1 332 SER n 
1 333 HIS n 
1 334 SER n 
1 335 ASN n 
1 336 VAL n 
1 337 ALA n 
1 338 THR n 
1 339 LEU n 
1 340 GLN n 
1 341 GLU n 
1 342 ALA n 
1 343 THR n 
1 344 ALA n 
1 345 LYS n 
1 346 VAL n 
1 347 LYS n 
1 348 THR n 
1 349 ALA n 
1 350 GLY n 
1 351 LYS n 
1 352 VAL n 
1 353 THR n 
1 354 LEU n 
1 355 HIS n 
1 356 PHE n 
1 357 SER n 
1 358 THR n 
1 359 ALA n 
1 360 SER n 
1 361 ALA n 
1 362 SER n 
1 363 PRO n 
1 364 SER n 
1 365 PHE n 
1 366 VAL n 
1 367 VAL n 
1 368 SER n 
1 369 LEU n 
1 370 CYS n 
1 371 SER n 
1 372 ALA n 
1 373 ARG n 
1 374 ALA n 
1 375 THR n 
1 376 CYS n 
1 377 SER n 
1 378 ALA n 
1 379 SER n 
1 380 CYS n 
1 381 GLU n 
1 382 PRO n 
1 383 PRO n 
1 384 LYS n 
1 385 ASP n 
1 386 HIS n 
1 387 ILE n 
1 388 VAL n 
1 389 PRO n 
1 390 TYR n 
# 
_entity_src_nat.entity_id                  1 
_entity_src_nat.pdbx_src_id                1 
_entity_src_nat.pdbx_alt_source_flag       sample 
_entity_src_nat.pdbx_beg_seq_num           ? 
_entity_src_nat.pdbx_end_seq_num           ? 
_entity_src_nat.common_name                ? 
_entity_src_nat.pdbx_organism_scientific   'Semliki forest virus' 
_entity_src_nat.pdbx_ncbi_taxonomy_id      11033 
_entity_src_nat.genus                      Alphavirus 
_entity_src_nat.species                    ? 
_entity_src_nat.strain                     ? 
_entity_src_nat.tissue                     ? 
_entity_src_nat.tissue_fraction            ? 
_entity_src_nat.pdbx_secretion             ? 
_entity_src_nat.pdbx_fragment              ? 
_entity_src_nat.pdbx_variant               ? 
_entity_src_nat.pdbx_cell_line             ? 
_entity_src_nat.pdbx_atcc                  ? 
_entity_src_nat.pdbx_cellular_location     ? 
_entity_src_nat.pdbx_organ                 ? 
_entity_src_nat.pdbx_organelle             ? 
_entity_src_nat.pdbx_cell                  ? 
_entity_src_nat.pdbx_plasmid_name          ? 
_entity_src_nat.pdbx_plasmid_details       ? 
_entity_src_nat.details                    ? 
# 
loop_
_chem_comp.id 
_chem_comp.type 
_chem_comp.mon_nstd_flag 
_chem_comp.name 
_chem_comp.pdbx_synonyms 
_chem_comp.formula 
_chem_comp.formula_weight 
ALA 'L-peptide linking' y ALANINE         ? 'C3 H7 N O2'     89.093  
ARG 'L-peptide linking' y ARGININE        ? 'C6 H15 N4 O2 1' 175.209 
ASN 'L-peptide linking' y ASPARAGINE      ? 'C4 H8 N2 O3'    132.118 
ASP 'L-peptide linking' y 'ASPARTIC ACID' ? 'C4 H7 N O4'     133.103 
CYS 'L-peptide linking' y CYSTEINE        ? 'C3 H7 N O2 S'   121.158 
GLN 'L-peptide linking' y GLUTAMINE       ? 'C5 H10 N2 O3'   146.144 
GLU 'L-peptide linking' y 'GLUTAMIC ACID' ? 'C5 H9 N O4'     147.129 
GLY 'peptide linking'   y GLYCINE         ? 'C2 H5 N O2'     75.067  
HIS 'L-peptide linking' y HISTIDINE       ? 'C6 H10 N3 O2 1' 156.162 
ILE 'L-peptide linking' y ISOLEUCINE      ? 'C6 H13 N O2'    131.173 
LEU 'L-peptide linking' y LEUCINE         ? 'C6 H13 N O2'    131.173 
LYS 'L-peptide linking' y LYSINE          ? 'C6 H15 N2 O2 1' 147.195 
MET 'L-peptide linking' y METHIONINE      ? 'C5 H11 N O2 S'  149.211 
PHE 'L-peptide linking' y PHENYLALANINE   ? 'C9 H11 N O2'    165.189 
PRO 'L-peptide linking' y PROLINE         ? 'C5 H9 N O2'     115.130 
SER 'L-peptide linking' y SERINE          ? 'C3 H7 N O3'     105.093 
THR 'L-peptide linking' y THREONINE       ? 'C4 H9 N O3'     119.119 
TRP 'L-peptide linking' y TRYPTOPHAN      ? 'C11 H12 N2 O2'  204.225 
TYR 'L-peptide linking' y TYROSINE        ? 'C9 H11 N O3'    181.189 
VAL 'L-peptide linking' y VALINE          ? 'C5 H11 N O2'    117.146 
# 
loop_
_pdbx_poly_seq_scheme.asym_id 
_pdbx_poly_seq_scheme.entity_id 
_pdbx_poly_seq_scheme.seq_id 
_pdbx_poly_seq_scheme.mon_id 
_pdbx_poly_seq_scheme.ndb_seq_num 
_pdbx_poly_seq_scheme.pdb_seq_num 
_pdbx_poly_seq_scheme.auth_seq_num 
_pdbx_poly_seq_scheme.pdb_mon_id 
_pdbx_poly_seq_scheme.auth_mon_id 
_pdbx_poly_seq_scheme.pdb_strand_id 
_pdbx_poly_seq_scheme.pdb_ins_code 
_pdbx_poly_seq_scheme.hetero 
A 1 1   TYR 1   1   1   TYR TYR A . n 
A 1 2   GLU 2   2   2   GLU GLU A . n 
A 1 3   HIS 3   3   3   HIS HIS A . n 
A 1 4   SER 4   4   4   SER SER A . n 
A 1 5   THR 5   5   5   THR THR A . n 
A 1 6   VAL 6   6   6   VAL VAL A . n 
A 1 7   MET 7   7   7   MET MET A . n 
A 1 8   PRO 8   8   8   PRO PRO A . n 
A 1 9   ASN 9   9   9   ASN ASN A . n 
A 1 10  VAL 10  10  10  VAL VAL A . n 
A 1 11  VAL 11  11  11  VAL VAL A . n 
A 1 12  GLY 12  12  12  GLY GLY A . n 
A 1 13  PHE 13  13  13  PHE PHE A . n 
A 1 14  PRO 14  14  14  PRO PRO A . n 
A 1 15  TYR 15  15  15  TYR TYR A . n 
A 1 16  LYS 16  16  16  LYS LYS A . n 
A 1 17  ALA 17  17  17  ALA ALA A . n 
A 1 18  HIS 18  18  18  HIS HIS A . n 
A 1 19  ILE 19  19  19  ILE ILE A . n 
A 1 20  GLU 20  20  20  GLU GLU A . n 
A 1 21  ARG 21  21  21  ARG ARG A . n 
A 1 22  PRO 22  22  22  PRO PRO A . n 
A 1 23  GLY 23  23  23  GLY GLY A . n 
A 1 24  TYR 24  24  24  TYR TYR A . n 
A 1 25  SER 25  25  25  SER SER A . n 
A 1 26  PRO 26  26  26  PRO PRO A . n 
A 1 27  LEU 27  27  27  LEU LEU A . n 
A 1 28  THR 28  28  28  THR THR A . n 
A 1 29  LEU 29  29  29  LEU LEU A . n 
A 1 30  GLN 30  30  30  GLN GLN A . n 
A 1 31  MET 31  31  31  MET MET A . n 
A 1 32  GLN 32  32  32  GLN GLN A . n 
A 1 33  VAL 33  33  33  VAL VAL A . n 
A 1 34  VAL 34  34  34  VAL VAL A . n 
A 1 35  GLU 35  35  35  GLU GLU A . n 
A 1 36  THR 36  36  36  THR THR A . n 
A 1 37  SER 37  37  37  SER SER A . n 
A 1 38  LEU 38  38  38  LEU LEU A . n 
A 1 39  GLU 39  39  39  GLU GLU A . n 
A 1 40  PRO 40  40  40  PRO PRO A . n 
A 1 41  THR 41  41  41  THR THR A . n 
A 1 42  LEU 42  42  42  LEU LEU A . n 
A 1 43  ASN 43  43  43  ASN ASN A . n 
A 1 44  LEU 44  44  44  LEU LEU A . n 
A 1 45  GLU 45  45  45  GLU GLU A . n 
A 1 46  TYR 46  46  46  TYR TYR A . n 
A 1 47  ILE 47  47  47  ILE ILE A . n 
A 1 48  THR 48  48  48  THR THR A . n 
A 1 49  CYS 49  49  49  CYS CYS A . n 
A 1 50  GLU 50  50  50  GLU GLU A . n 
A 1 51  TYR 51  51  51  TYR TYR A . n 
A 1 52  LYS 52  52  52  LYS LYS A . n 
A 1 53  THR 53  53  53  THR THR A . n 
A 1 54  VAL 54  54  54  VAL VAL A . n 
A 1 55  VAL 55  55  55  VAL VAL A . n 
A 1 56  PRO 56  56  56  PRO PRO A . n 
A 1 57  SER 57  57  57  SER SER A . n 
A 1 58  PRO 58  58  58  PRO PRO A . n 
A 1 59  TYR 59  59  59  TYR TYR A . n 
A 1 60  VAL 60  60  60  VAL VAL A . n 
A 1 61  LYS 61  61  61  LYS LYS A . n 
A 1 62  CYS 62  62  62  CYS CYS A . n 
A 1 63  CYS 63  63  63  CYS CYS A . n 
A 1 64  GLY 64  64  64  GLY GLY A . n 
A 1 65  ALA 65  65  65  ALA ALA A . n 
A 1 66  SER 66  66  66  SER SER A . n 
A 1 67  GLU 67  67  67  GLU GLU A . n 
A 1 68  CYS 68  68  68  CYS CYS A . n 
A 1 69  SER 69  69  69  SER SER A . n 
A 1 70  THR 70  70  70  THR THR A . n 
A 1 71  LYS 71  71  71  LYS LYS A . n 
A 1 72  GLU 72  72  72  GLU GLU A . n 
A 1 73  LYS 73  73  73  LYS LYS A . n 
A 1 74  PRO 74  74  74  PRO PRO A . n 
A 1 75  ASP 75  75  75  ASP ASP A . n 
A 1 76  TYR 76  76  76  TYR TYR A . n 
A 1 77  GLN 77  77  77  GLN GLN A . n 
A 1 78  CYS 78  78  78  CYS CYS A . n 
A 1 79  LYS 79  79  79  LYS LYS A . n 
A 1 80  VAL 80  80  80  VAL VAL A . n 
A 1 81  TYR 81  81  81  TYR TYR A . n 
A 1 82  THR 82  82  82  THR THR A . n 
A 1 83  GLY 83  83  83  GLY GLY A . n 
A 1 84  VAL 84  84  84  VAL VAL A . n 
A 1 85  TYR 85  85  85  TYR TYR A . n 
A 1 86  PRO 86  86  86  PRO PRO A . n 
A 1 87  PHE 87  87  87  PHE PHE A . n 
A 1 88  MET 88  88  88  MET MET A . n 
A 1 89  TRP 89  89  89  TRP TRP A . n 
A 1 90  GLY 90  90  90  GLY GLY A . n 
A 1 91  GLY 91  91  91  GLY GLY A . n 
A 1 92  ALA 92  92  92  ALA ALA A . n 
A 1 93  TYR 93  93  93  TYR TYR A . n 
A 1 94  CYS 94  94  94  CYS CYS A . n 
A 1 95  PHE 95  95  95  PHE PHE A . n 
A 1 96  CYS 96  96  96  CYS CYS A . n 
A 1 97  ASP 97  97  97  ASP ASP A . n 
A 1 98  SER 98  98  98  SER SER A . n 
A 1 99  GLU 99  99  99  GLU GLU A . n 
A 1 100 ASN 100 100 100 ASN ASN A . n 
A 1 101 THR 101 101 101 THR THR A . n 
A 1 102 GLN 102 102 102 GLN GLN A . n 
A 1 103 LEU 103 103 103 LEU LEU A . n 
A 1 104 SER 104 104 104 SER SER A . n 
A 1 105 GLU 105 105 105 GLU GLU A . n 
A 1 106 ALA 106 106 106 ALA ALA A . n 
A 1 107 TYR 107 107 107 TYR TYR A . n 
A 1 108 VAL 108 108 108 VAL VAL A . n 
A 1 109 ASP 109 109 109 ASP ASP A . n 
A 1 110 ARG 110 110 110 ARG ARG A . n 
A 1 111 SER 111 111 111 SER SER A . n 
A 1 112 ASP 112 112 112 ASP ASP A . n 
A 1 113 VAL 113 113 113 VAL VAL A . n 
A 1 114 CYS 114 114 114 CYS CYS A . n 
A 1 115 ARG 115 115 115 ARG ARG A . n 
A 1 116 HIS 116 116 116 HIS HIS A . n 
A 1 117 ASP 117 117 117 ASP ASP A . n 
A 1 118 HIS 118 118 118 HIS HIS A . n 
A 1 119 ALA 119 119 119 ALA ALA A . n 
A 1 120 SER 120 120 120 SER SER A . n 
A 1 121 ALA 121 121 121 ALA ALA A . n 
A 1 122 TYR 122 122 122 TYR TYR A . n 
A 1 123 LYS 123 123 123 LYS LYS A . n 
A 1 124 ALA 124 124 124 ALA ALA A . n 
A 1 125 HIS 125 125 125 HIS HIS A . n 
A 1 126 THR 126 126 126 THR THR A . n 
A 1 127 ALA 127 127 127 ALA ALA A . n 
A 1 128 SER 128 128 128 SER SER A . n 
A 1 129 LEU 129 129 129 LEU LEU A . n 
A 1 130 LYS 130 130 130 LYS LYS A . n 
A 1 131 ALA 131 131 131 ALA ALA A . n 
A 1 132 LYS 132 132 132 LYS LYS A . n 
A 1 133 VAL 133 133 133 VAL VAL A . n 
A 1 134 ARG 134 134 134 ARG ARG A . n 
A 1 135 VAL 135 135 135 VAL VAL A . n 
A 1 136 MET 136 136 136 MET MET A . n 
A 1 137 TYR 137 137 137 TYR TYR A . n 
A 1 138 GLY 138 138 138 GLY GLY A . n 
A 1 139 ASN 139 139 139 ASN ASN A . n 
A 1 140 VAL 140 140 140 VAL VAL A . n 
A 1 141 ASN 141 141 141 ASN ASN A . n 
A 1 142 GLN 142 142 142 GLN GLN A . n 
A 1 143 THR 143 143 143 THR THR A . n 
A 1 144 VAL 144 144 144 VAL VAL A . n 
A 1 145 ASP 145 145 145 ASP ASP A . n 
A 1 146 VAL 146 146 146 VAL VAL A . n 
A 1 147 TYR 147 147 147 TYR TYR A . n 
A 1 148 VAL 148 148 148 VAL VAL A . n 
A 1 149 ASN 149 149 149 ASN ASN A . n 
A 1 150 GLY 150 150 150 GLY GLY A . n 
A 1 151 ASP 151 151 151 ASP ASP A . n 
A 1 152 HIS 152 152 152 HIS HIS A . n 
A 1 153 ALA 153 153 153 ALA ALA A . n 
A 1 154 VAL 154 154 154 VAL VAL A . n 
A 1 155 THR 155 155 155 THR THR A . n 
A 1 156 ILE 156 156 156 ILE ILE A . n 
A 1 157 GLY 157 157 157 GLY GLY A . n 
A 1 158 GLY 158 158 158 GLY GLY A . n 
A 1 159 THR 159 159 159 THR THR A . n 
A 1 160 GLN 160 160 160 GLN GLN A . n 
A 1 161 PHE 161 161 161 PHE PHE A . n 
A 1 162 ILE 162 162 162 ILE ILE A . n 
A 1 163 PHE 163 163 163 PHE PHE A . n 
A 1 164 GLY 164 164 164 GLY GLY A . n 
A 1 165 PRO 165 165 165 PRO PRO A . n 
A 1 166 LEU 166 166 166 LEU LEU A . n 
A 1 167 SER 167 167 167 SER SER A . n 
A 1 168 SER 168 168 168 SER SER A . n 
A 1 169 ALA 169 169 169 ALA ALA A . n 
A 1 170 TRP 170 170 170 TRP TRP A . n 
A 1 171 THR 171 171 171 THR THR A . n 
A 1 172 PRO 172 172 172 PRO PRO A . n 
A 1 173 PHE 173 173 173 PHE PHE A . n 
A 1 174 ASP 174 174 174 ASP ASP A . n 
A 1 175 ASN 175 175 175 ASN ASN A . n 
A 1 176 LYS 176 176 176 LYS LYS A . n 
A 1 177 ILE 177 177 177 ILE ILE A . n 
A 1 178 VAL 178 178 178 VAL VAL A . n 
A 1 179 VAL 179 179 179 VAL VAL A . n 
A 1 180 TYR 180 180 180 TYR TYR A . n 
A 1 181 LYS 181 181 181 LYS LYS A . n 
A 1 182 ASP 182 182 182 ASP ASP A . n 
A 1 183 GLU 183 183 183 GLU GLU A . n 
A 1 184 VAL 184 184 184 VAL VAL A . n 
A 1 185 PHE 185 185 185 PHE PHE A . n 
A 1 186 ASN 186 186 186 ASN ASN A . n 
A 1 187 GLN 187 187 187 GLN GLN A . n 
A 1 188 ASP 188 188 188 ASP ASP A . n 
A 1 189 PHE 189 189 189 PHE PHE A . n 
A 1 190 PRO 190 190 190 PRO PRO A . n 
A 1 191 PRO 191 191 191 PRO PRO A . n 
A 1 192 TYR 192 192 192 TYR TYR A . n 
A 1 193 GLY 193 193 193 GLY GLY A . n 
A 1 194 SER 194 194 194 SER SER A . n 
A 1 195 GLY 195 195 195 GLY GLY A . n 
A 1 196 GLN 196 196 196 GLN GLN A . n 
A 1 197 PRO 197 197 197 PRO PRO A . n 
A 1 198 GLY 198 198 198 GLY GLY A . n 
A 1 199 ARG 199 199 199 ARG ARG A . n 
A 1 200 PHE 200 200 200 PHE PHE A . n 
A 1 201 GLY 201 201 201 GLY GLY A . n 
A 1 202 ASP 202 202 202 ASP ASP A . n 
A 1 203 ILE 203 203 203 ILE ILE A . n 
A 1 204 GLN 204 204 204 GLN GLN A . n 
A 1 205 SER 205 205 205 SER SER A . n 
A 1 206 ARG 206 206 206 ARG ARG A . n 
A 1 207 THR 207 207 207 THR THR A . n 
A 1 208 VAL 208 208 208 VAL VAL A . n 
A 1 209 GLU 209 209 209 GLU GLU A . n 
A 1 210 SER 210 210 210 SER SER A . n 
A 1 211 ASN 211 211 211 ASN ASN A . n 
A 1 212 ASP 212 212 212 ASP ASP A . n 
A 1 213 LEU 213 213 213 LEU LEU A . n 
A 1 214 TYR 214 214 214 TYR TYR A . n 
A 1 215 ALA 215 215 215 ALA ALA A . n 
A 1 216 ASN 216 216 216 ASN ASN A . n 
A 1 217 THR 217 217 217 THR THR A . n 
A 1 218 ALA 218 218 218 ALA ALA A . n 
A 1 219 LEU 219 219 219 LEU LEU A . n 
A 1 220 LYS 220 220 220 LYS LYS A . n 
A 1 221 LEU 221 221 221 LEU LEU A . n 
A 1 222 ALA 222 222 222 ALA ALA A . n 
A 1 223 ARG 223 223 223 ARG ARG A . n 
A 1 224 PRO 224 224 224 PRO PRO A . n 
A 1 225 SER 225 225 225 SER SER A . n 
A 1 226 PRO 226 226 226 PRO PRO A . n 
A 1 227 GLY 227 227 227 GLY GLY A . n 
A 1 228 MET 228 228 228 MET MET A . n 
A 1 229 VAL 229 229 229 VAL VAL A . n 
A 1 230 HIS 230 230 230 HIS HIS A . n 
A 1 231 VAL 231 231 231 VAL VAL A . n 
A 1 232 PRO 232 232 232 PRO PRO A . n 
A 1 233 TYR 233 233 233 TYR TYR A . n 
A 1 234 THR 234 234 234 THR THR A . n 
A 1 235 GLN 235 235 235 GLN GLN A . n 
A 1 236 THR 236 236 236 THR THR A . n 
A 1 237 PRO 237 237 237 PRO PRO A . n 
A 1 238 SER 238 238 238 SER SER A . n 
A 1 239 GLY 239 239 239 GLY GLY A . n 
A 1 240 PHE 240 240 240 PHE PHE A . n 
A 1 241 LYS 241 241 241 LYS LYS A . n 
A 1 242 TYR 242 242 242 TYR TYR A . n 
A 1 243 TRP 243 243 243 TRP TRP A . n 
A 1 244 LEU 244 244 244 LEU LEU A . n 
A 1 245 LYS 245 245 245 LYS LYS A . n 
A 1 246 GLU 246 246 246 GLU GLU A . n 
A 1 247 LYS 247 247 247 LYS LYS A . n 
A 1 248 GLY 248 248 248 GLY GLY A . n 
A 1 249 THR 249 249 249 THR THR A . n 
A 1 250 ALA 250 250 250 ALA ALA A . n 
A 1 251 LEU 251 251 251 LEU LEU A . n 
A 1 252 ASN 252 252 252 ASN ASN A . n 
A 1 253 THR 253 253 253 THR THR A . n 
A 1 254 LYS 254 254 254 LYS LYS A . n 
A 1 255 ALA 255 255 255 ALA ALA A . n 
A 1 256 PRO 256 256 256 PRO PRO A . n 
A 1 257 PHE 257 257 257 PHE PHE A . n 
A 1 258 GLY 258 258 258 GLY GLY A . n 
A 1 259 CYS 259 259 259 CYS CYS A . n 
A 1 260 GLN 260 260 260 GLN GLN A . n 
A 1 261 ILE 261 261 261 ILE ILE A . n 
A 1 262 LYS 262 262 262 LYS LYS A . n 
A 1 263 THR 263 263 263 THR THR A . n 
A 1 264 ASN 264 264 264 ASN ASN A . n 
A 1 265 PRO 265 265 265 PRO PRO A . n 
A 1 266 VAL 266 266 266 VAL VAL A . n 
A 1 267 ARG 267 267 267 ARG ARG A . n 
A 1 268 ALA 268 268 268 ALA ALA A . n 
A 1 269 MET 269 269 269 MET MET A . n 
A 1 270 ASN 270 270 270 ASN ASN A . n 
A 1 271 CYS 271 271 271 CYS CYS A . n 
A 1 272 ALA 272 272 272 ALA ALA A . n 
A 1 273 VAL 273 273 273 VAL VAL A . n 
A 1 274 GLY 274 274 274 GLY GLY A . n 
A 1 275 ASN 275 275 275 ASN ASN A . n 
A 1 276 ILE 276 276 276 ILE ILE A . n 
A 1 277 PRO 277 277 277 PRO PRO A . n 
A 1 278 VAL 278 278 278 VAL VAL A . n 
A 1 279 SER 279 279 279 SER SER A . n 
A 1 280 MET 280 280 280 MET MET A . n 
A 1 281 ASN 281 281 281 ASN ASN A . n 
A 1 282 LEU 282 282 282 LEU LEU A . n 
A 1 283 PRO 283 283 283 PRO PRO A . n 
A 1 284 ASP 284 284 284 ASP ASP A . n 
A 1 285 SER 285 285 285 SER SER A . n 
A 1 286 ALA 286 286 286 ALA ALA A . n 
A 1 287 PHE 287 287 287 PHE PHE A . n 
A 1 288 THR 288 288 288 THR GLY A . n 
A 1 289 ARG 289 289 289 ARG GLY A . n 
A 1 290 ILE 290 290 290 ILE ILE A . n 
A 1 291 VAL 291 291 291 VAL VAL A . n 
A 1 292 GLU 292 292 292 GLU GLU A . n 
A 1 293 ALA 293 293 293 ALA ALA A . n 
A 1 294 PRO 294 294 294 PRO PRO A . n 
A 1 295 THR 295 295 295 THR THR A . n 
A 1 296 ILE 296 296 296 ILE ILE A . n 
A 1 297 ILE 297 297 297 ILE ILE A . n 
A 1 298 ASP 298 298 298 ASP ASP A . n 
A 1 299 LEU 299 299 299 LEU LEU A . n 
A 1 300 THR 300 300 300 THR THR A . n 
A 1 301 CYS 301 301 301 CYS CYS A . n 
A 1 302 THR 302 302 302 THR THR A . n 
A 1 303 VAL 303 303 303 VAL VAL A . n 
A 1 304 ALA 304 304 304 ALA ALA A . n 
A 1 305 THR 305 305 305 THR THR A . n 
A 1 306 CYS 306 306 306 CYS CYS A . n 
A 1 307 THR 307 307 307 THR THR A . n 
A 1 308 HIS 308 308 308 HIS HIS A . n 
A 1 309 SER 309 309 309 SER SER A . n 
A 1 310 SER 310 310 ?   ?   ?   A . n 
A 1 311 ASP 311 311 ?   ?   ?   A . n 
A 1 312 PHE 312 312 ?   ?   ?   A . n 
A 1 313 GLY 313 313 ?   ?   ?   A . n 
A 1 314 GLY 314 314 ?   ?   ?   A . n 
A 1 315 VAL 315 315 315 VAL VAL A . n 
A 1 316 LEU 316 316 316 LEU LEU A . n 
A 1 317 THR 317 317 317 THR THR A . n 
A 1 318 LEU 318 318 318 LEU LEU A . n 
A 1 319 THR 319 319 319 THR THR A . n 
A 1 320 TYR 320 320 320 TYR TYR A . n 
A 1 321 LYS 321 321 321 LYS LYS A . n 
A 1 322 THR 322 322 322 THR THR A . n 
A 1 323 ASN 323 323 323 ASN ASN A . n 
A 1 324 LYS 324 324 324 LYS LYS A . n 
A 1 325 ASN 325 325 325 ASN ASN A . n 
A 1 326 GLY 326 326 326 GLY GLY A . n 
A 1 327 ASP 327 327 327 ASP ASP A . n 
A 1 328 CYS 328 328 328 CYS CYS A . n 
A 1 329 SER 329 329 329 SER SER A . n 
A 1 330 VAL 330 330 330 VAL VAL A . n 
A 1 331 HIS 331 331 331 HIS HIS A . n 
A 1 332 SER 332 332 332 SER SER A . n 
A 1 333 HIS 333 333 333 HIS HIS A . n 
A 1 334 SER 334 334 334 SER SER A . n 
A 1 335 ASN 335 335 335 ASN ASN A . n 
A 1 336 VAL 336 336 336 VAL VAL A . n 
A 1 337 ALA 337 337 337 ALA ALA A . n 
A 1 338 THR 338 338 338 THR THR A . n 
A 1 339 LEU 339 339 339 LEU LEU A . n 
A 1 340 GLN 340 340 340 GLN GLN A . n 
A 1 341 GLU 341 341 341 GLU GLU A . n 
A 1 342 ALA 342 342 342 ALA ALA A . n 
A 1 343 THR 343 343 343 THR THR A . n 
A 1 344 ALA 344 344 344 ALA ALA A . n 
A 1 345 LYS 345 345 345 LYS ALA A . n 
A 1 346 VAL 346 346 ?   ?   ?   A . n 
A 1 347 LYS 347 347 ?   ?   ?   A . n 
A 1 348 THR 348 348 ?   ?   ?   A . n 
A 1 349 ALA 349 349 ?   ?   ?   A . n 
A 1 350 GLY 350 350 ?   ?   ?   A . n 
A 1 351 LYS 351 351 ?   ?   ?   A . n 
A 1 352 VAL 352 352 352 VAL VAL A . n 
A 1 353 THR 353 353 353 THR THR A . n 
A 1 354 LEU 354 354 354 LEU LEU A . n 
A 1 355 HIS 355 355 355 HIS HIS A . n 
A 1 356 PHE 356 356 356 PHE PHE A . n 
A 1 357 SER 357 357 357 SER SER A . n 
A 1 358 THR 358 358 358 THR THR A . n 
A 1 359 ALA 359 359 359 ALA ALA A . n 
A 1 360 SER 360 360 360 SER SER A . n 
A 1 361 ALA 361 361 361 ALA ALA A . n 
A 1 362 SER 362 362 362 SER SER A . n 
A 1 363 PRO 363 363 363 PRO PRO A . n 
A 1 364 SER 364 364 364 SER SER A . n 
A 1 365 PHE 365 365 365 PHE PHE A . n 
A 1 366 VAL 366 366 366 VAL VAL A . n 
A 1 367 VAL 367 367 367 VAL VAL A . n 
A 1 368 SER 368 368 368 SER SER A . n 
A 1 369 LEU 369 369 369 LEU LEU A . n 
A 1 370 CYS 370 370 370 CYS CYS A . n 
A 1 371 SER 371 371 371 SER SER A . n 
A 1 372 ALA 372 372 372 ALA ALA A . n 
A 1 373 ARG 373 373 373 ARG ARG A . n 
A 1 374 ALA 374 374 374 ALA ALA A . n 
A 1 375 THR 375 375 375 THR THR A . n 
A 1 376 CYS 376 376 376 CYS CYS A . n 
A 1 377 SER 377 377 377 SER SER A . n 
A 1 378 ALA 378 378 378 ALA ALA A . n 
A 1 379 SER 379 379 379 SER SER A . n 
A 1 380 CYS 380 380 380 CYS CYS A . n 
A 1 381 GLU 381 381 ?   ?   ?   A . n 
A 1 382 PRO 382 382 ?   ?   ?   A . n 
A 1 383 PRO 383 383 ?   ?   ?   A . n 
A 1 384 LYS 384 384 ?   ?   ?   A . n 
A 1 385 ASP 385 385 ?   ?   ?   A . n 
A 1 386 HIS 386 386 ?   ?   ?   A . n 
A 1 387 ILE 387 387 ?   ?   ?   A . n 
A 1 388 VAL 388 388 ?   ?   ?   A . n 
A 1 389 PRO 389 389 ?   ?   ?   A . n 
A 1 390 TYR 390 390 ?   ?   ?   A . n 
# 
loop_
_software.name 
_software.classification 
_software.version 
_software.citation_id 
_software.pdbx_ordinal 
MLPHARE phasing          .         ? 1 
CNS     refinement       1.0       ? 2 
DENZO   'data reduction' .         ? 3 
CCP4    'data scaling'   '(SCALA)' ? 4 
# 
_cell.entry_id           1I9W 
_cell.length_a           79.46 
_cell.length_b           79.46 
_cell.length_c           334.76 
_cell.angle_alpha        90 
_cell.angle_beta         90 
_cell.angle_gamma        120 
_cell.Z_PDB              12 
_cell.pdbx_unique_axis   ? 
_cell.length_a_esd       ? 
_cell.length_b_esd       ? 
_cell.length_c_esd       ? 
_cell.angle_alpha_esd    ? 
_cell.angle_beta_esd     ? 
_cell.angle_gamma_esd    ? 
# 
_symmetry.entry_id                         1I9W 
_symmetry.space_group_name_H-M             'P 64 2 2' 
_symmetry.pdbx_full_space_group_name_H-M   ? 
_symmetry.cell_setting                     ? 
_symmetry.Int_Tables_number                181 
_symmetry.space_group_name_Hall            ? 
# 
_exptl.entry_id          1I9W 
_exptl.method            'X-RAY DIFFRACTION' 
_exptl.crystals_number   1 
# 
_exptl_crystal.id                    1 
_exptl_crystal.density_meas          ? 
_exptl_crystal.density_Matthews      3.58 
_exptl_crystal.density_percent_sol   63 
_exptl_crystal.description           ? 
_exptl_crystal.F_000                 ? 
_exptl_crystal.preparation           ? 
# 
_exptl_crystal_grow.crystal_id      1 
_exptl_crystal_grow.method          'VAPOR DIFFUSION' 
_exptl_crystal_grow.temp            294 
_exptl_crystal_grow.temp_details    ? 
_exptl_crystal_grow.pH              8.0 
_exptl_crystal_grow.pdbx_details    'PEG 8K, pH 8.0, VAPOR DIFFUSION, temperature 294K' 
_exptl_crystal_grow.pdbx_pH_range   . 
# 
_diffrn.id                     1 
_diffrn.ambient_temp           100 
_diffrn.ambient_temp_details   ? 
_diffrn.crystal_id             1 
# 
_diffrn_detector.diffrn_id              1 
_diffrn_detector.detector               CCD 
_diffrn_detector.type                   MARRESEARCH 
_diffrn_detector.pdbx_collection_date   1998-01-22 
_diffrn_detector.details                ? 
# 
_diffrn_radiation.diffrn_id                        1 
_diffrn_radiation.wavelength_id                    1 
_diffrn_radiation.pdbx_monochromatic_or_laue_m_l   M 
_diffrn_radiation.monochromator                    mirrors 
_diffrn_radiation.pdbx_diffrn_protocol             'SINGLE WAVELENGTH' 
_diffrn_radiation.pdbx_scattering_type             x-ray 
# 
_diffrn_radiation_wavelength.id           1 
_diffrn_radiation_wavelength.wavelength   0.945 
_diffrn_radiation_wavelength.wt           1.0 
# 
_diffrn_source.diffrn_id                   1 
_diffrn_source.source                      SYNCHROTRON 
_diffrn_source.type                        'ESRF BEAMLINE ID14-3' 
_diffrn_source.pdbx_synchrotron_site       ESRF 
_diffrn_source.pdbx_synchrotron_beamline   ID14-3 
_diffrn_source.pdbx_wavelength             ? 
_diffrn_source.pdbx_wavelength_list        0.945 
# 
_reflns.entry_id                     1I9W 
_reflns.observed_criterion_sigma_I   ? 
_reflns.observed_criterion_sigma_F   ? 
_reflns.d_resolution_low             15.0 
_reflns.d_resolution_high            3.0 
_reflns.number_obs                   11519 
_reflns.number_all                   13318 
_reflns.percent_possible_obs         86.5 
_reflns.pdbx_Rmerge_I_obs            0.0820000 
_reflns.pdbx_Rsym_value              ? 
_reflns.pdbx_netI_over_sigmaI        7.5 
_reflns.B_iso_Wilson_estimate        ? 
_reflns.pdbx_redundancy              3 
_reflns.R_free_details               ? 
_reflns.limit_h_max                  ? 
_reflns.limit_h_min                  ? 
_reflns.limit_k_max                  ? 
_reflns.limit_k_min                  ? 
_reflns.limit_l_max                  ? 
_reflns.limit_l_min                  ? 
_reflns.observed_criterion_F_max     ? 
_reflns.observed_criterion_F_min     ? 
_reflns.pdbx_ordinal                 1 
_reflns.pdbx_diffrn_id               1 
_reflns.pdbx_chi_squared             ? 
_reflns.pdbx_scaling_rejects         ? 
# 
_reflns_shell.d_res_high             3.0 
_reflns_shell.d_res_low              ? 
_reflns_shell.percent_possible_all   ? 
_reflns_shell.Rmerge_I_obs           0.2520000 
_reflns_shell.pdbx_Rsym_value        ? 
_reflns_shell.meanI_over_sigI_obs    3.0 
_reflns_shell.pdbx_redundancy        ? 
_reflns_shell.percent_possible_obs   ? 
_reflns_shell.number_unique_all      ? 
_reflns_shell.pdbx_ordinal           1 
_reflns_shell.pdbx_diffrn_id         1 
_reflns_shell.number_measured_all    ? 
_reflns_shell.number_measured_obs    ? 
_reflns_shell.number_unique_obs      ? 
_reflns_shell.pdbx_chi_squared       ? 
# 
_refine.entry_id                                 1I9W 
_refine.ls_number_reflns_obs                     11519 
_refine.ls_number_reflns_all                     13318 
_refine.pdbx_ls_sigma_I                          ? 
_refine.pdbx_ls_sigma_F                          ? 
_refine.pdbx_data_cutoff_high_absF               ? 
_refine.pdbx_data_cutoff_low_absF                ? 
_refine.ls_d_res_low                             15.0 
_refine.ls_d_res_high                            3.0 
_refine.ls_percent_reflns_obs                    86.5 
_refine.ls_R_factor_obs                          ? 
_refine.ls_R_factor_all                          ? 
_refine.ls_R_factor_R_work                       0.2750000 
_refine.ls_R_factor_R_free                       0.3440000 
_refine.ls_R_factor_R_free_error                 ? 
_refine.ls_R_factor_R_free_error_details         ? 
_refine.ls_percent_reflns_R_free                 ? 
_refine.ls_number_reflns_R_free                  1166 
_refine.ls_number_parameters                     ? 
_refine.ls_number_restraints                     ? 
_refine.occupancy_min                            ? 
_refine.occupancy_max                            ? 
_refine.B_iso_mean                               ? 
_refine.aniso_B[1][1]                            ? 
_refine.aniso_B[2][2]                            ? 
_refine.aniso_B[3][3]                            ? 
_refine.aniso_B[1][2]                            ? 
_refine.aniso_B[1][3]                            ? 
_refine.aniso_B[2][3]                            ? 
_refine.solvent_model_details                    ? 
_refine.solvent_model_param_ksol                 ? 
_refine.solvent_model_param_bsol                 ? 
_refine.pdbx_ls_cross_valid_method               ? 
_refine.details                                  'The coordinates contain only CA atoms.' 
_refine.pdbx_starting_model                      ? 
_refine.pdbx_method_to_determine_struct          MIR 
_refine.pdbx_isotropic_thermal_model             ? 
_refine.pdbx_stereochemistry_target_values       ? 
_refine.pdbx_stereochem_target_val_spec_case     ? 
_refine.pdbx_R_Free_selection_details            ? 
_refine.pdbx_overall_ESU_R_Free                  ? 
_refine.overall_SU_B                             ? 
_refine.ls_redundancy_reflns_obs                 ? 
_refine.B_iso_min                                ? 
_refine.B_iso_max                                ? 
_refine.correlation_coeff_Fo_to_Fc               ? 
_refine.overall_SU_R_Cruickshank_DPI             ? 
_refine.overall_SU_R_free                        ? 
_refine.overall_SU_ML                            ? 
_refine.pdbx_overall_ESU_R                       ? 
_refine.pdbx_data_cutoff_high_rms_absF           ? 
_refine.correlation_coeff_Fo_to_Fc_free          ? 
_refine.pdbx_solvent_vdw_probe_radii             ? 
_refine.pdbx_solvent_ion_probe_radii             ? 
_refine.pdbx_solvent_shrinkage_radii             ? 
_refine.pdbx_refine_id                           'X-RAY DIFFRACTION' 
_refine.pdbx_diffrn_id                           1 
_refine.pdbx_overall_phase_error                 ? 
_refine.ls_wR_factor_R_free                      ? 
_refine.ls_wR_factor_R_work                      ? 
_refine.overall_FOM_free_R_set                   ? 
_refine.overall_FOM_work_R_set                   ? 
_refine.pdbx_TLS_residual_ADP_flag               ? 
_refine.pdbx_overall_SU_R_free_Cruickshank_DPI   ? 
_refine.pdbx_overall_SU_R_Blow_DPI               ? 
_refine.pdbx_overall_SU_R_free_Blow_DPI          ? 
# 
_refine_hist.pdbx_refine_id                   'X-RAY DIFFRACTION' 
_refine_hist.cycle_id                         LAST 
_refine_hist.pdbx_number_atoms_protein        369 
_refine_hist.pdbx_number_atoms_nucleic_acid   0 
_refine_hist.pdbx_number_atoms_ligand         0 
_refine_hist.number_atoms_solvent             0 
_refine_hist.number_atoms_total               369 
_refine_hist.d_res_high                       3.0 
_refine_hist.d_res_low                        15.0 
# 
_struct.entry_id                  1I9W 
_struct.title                     'CRYSTAL STRUCTURE OF THE FUSION GLYCOPROTEIN E1 FROM SEMLIKI FOREST VIRUS' 
_struct.pdbx_model_details        ? 
_struct.pdbx_CASP_flag            ? 
_struct.pdbx_model_type_details   ? 
# 
_struct_keywords.entry_id        1I9W 
_struct_keywords.pdbx_keywords   'VIRAL PROTEIN' 
_struct_keywords.text            'envelope glycoprotein, virus, membrane fusion, Viral protein' 
# 
_struct_asym.id                            A 
_struct_asym.pdbx_blank_PDB_chainid_flag   N 
_struct_asym.pdbx_modified                 N 
_struct_asym.entity_id                     1 
_struct_asym.details                       ? 
# 
_struct_ref.id                         1 
_struct_ref.db_name                    UNP 
_struct_ref.db_code                    POLS_SFV 
_struct_ref.entity_id                  1 
_struct_ref.pdbx_seq_one_letter_code   
;YEHSTVMPNVVGFPYKAHIERPGYSPLTLQMQVVETSLEPTLNLEYITCEYKTVVPSPYVKCCGASECSTKEKPDYQCKV
YTGVYPFMWGGAYCFCDSENTQLSEAYVDRSDVCRHDHASAYKAHTASLKAKVRVMYGNVNQTVDVYVNGDHAVTIGGTQ
FIFGPLSSAWTPFDNKIVVYKDEVFNQDFPPYGSGQPGRFGDIQSRTVESNDLYANTALKLARPSPGMVHVPYTQTPSGF
KYWLKEKGTALNTKAPFGCQIKTNPVRAMNCAVGNIPVSMNLPDSAFTRIVEAPTIIDLTCTVATCTHSSDFGGVLTLTY
KTNKNGDCSVHSHSNVATLQEATAKVKTAGKVTLHFSTASASPSFVVSLCSARATCSASCEPPKDHIVPY
;
_struct_ref.pdbx_align_begin           816 
_struct_ref.pdbx_db_accession          P03315 
_struct_ref.pdbx_db_isoform            ? 
# 
_struct_ref_seq.align_id                      1 
_struct_ref_seq.ref_id                        1 
_struct_ref_seq.pdbx_PDB_id_code              1I9W 
_struct_ref_seq.pdbx_strand_id                A 
_struct_ref_seq.seq_align_beg                 1 
_struct_ref_seq.pdbx_seq_align_beg_ins_code   ? 
_struct_ref_seq.seq_align_end                 390 
_struct_ref_seq.pdbx_seq_align_end_ins_code   ? 
_struct_ref_seq.pdbx_db_accession             P03315 
_struct_ref_seq.db_align_beg                  816 
_struct_ref_seq.pdbx_db_align_beg_ins_code    ? 
_struct_ref_seq.db_align_end                  1205 
_struct_ref_seq.pdbx_db_align_end_ins_code    ? 
_struct_ref_seq.pdbx_auth_seq_align_beg       1 
_struct_ref_seq.pdbx_auth_seq_align_end       390 
# 
_pdbx_struct_assembly.id                   1 
_pdbx_struct_assembly.details              author_defined_assembly 
_pdbx_struct_assembly.method_details       ? 
_pdbx_struct_assembly.oligomeric_details   monomeric 
_pdbx_struct_assembly.oligomeric_count     1 
# 
_pdbx_struct_assembly_gen.assembly_id       1 
_pdbx_struct_assembly_gen.oper_expression   1 
_pdbx_struct_assembly_gen.asym_id_list      A 
# 
_pdbx_struct_oper_list.id                   1 
_pdbx_struct_oper_list.type                 'identity operation' 
_pdbx_struct_oper_list.name                 1_555 
_pdbx_struct_oper_list.symmetry_operation   x,y,z 
_pdbx_struct_oper_list.matrix[1][1]         1.0000000000 
_pdbx_struct_oper_list.matrix[1][2]         0.0000000000 
_pdbx_struct_oper_list.matrix[1][3]         0.0000000000 
_pdbx_struct_oper_list.vector[1]            0.0000000000 
_pdbx_struct_oper_list.matrix[2][1]         0.0000000000 
_pdbx_struct_oper_list.matrix[2][2]         1.0000000000 
_pdbx_struct_oper_list.matrix[2][3]         0.0000000000 
_pdbx_struct_oper_list.vector[2]            0.0000000000 
_pdbx_struct_oper_list.matrix[3][1]         0.0000000000 
_pdbx_struct_oper_list.matrix[3][2]         0.0000000000 
_pdbx_struct_oper_list.matrix[3][3]         1.0000000000 
_pdbx_struct_oper_list.vector[3]            0.0000000000 
# 
_struct_biol.id                    1 
_struct_biol.pdbx_parent_biol_id   ? 
_struct_biol.details               ? 
# 
_pdbx_database_remark.id     300 
_pdbx_database_remark.text   
;
BIOMOLECULE: 1                     
THIS ENTRY CONTAINS THE CRYSTALLOGRAPHIC ASYMMETRIC UNIT
WHICH CONSISTS OF 1 CHAIN(S). 
No matrices were provided to generate the icosohedral 
particle consisting of this protein from these 
coordinates.
;
# 
loop_
_pdbx_unobs_or_zero_occ_residues.id 
_pdbx_unobs_or_zero_occ_residues.PDB_model_num 
_pdbx_unobs_or_zero_occ_residues.polymer_flag 
_pdbx_unobs_or_zero_occ_residues.occupancy_flag 
_pdbx_unobs_or_zero_occ_residues.auth_asym_id 
_pdbx_unobs_or_zero_occ_residues.auth_comp_id 
_pdbx_unobs_or_zero_occ_residues.auth_seq_id 
_pdbx_unobs_or_zero_occ_residues.PDB_ins_code 
_pdbx_unobs_or_zero_occ_residues.label_asym_id 
_pdbx_unobs_or_zero_occ_residues.label_comp_id 
_pdbx_unobs_or_zero_occ_residues.label_seq_id 
1  1 Y 1 A SER 310 ? A SER 310 
2  1 Y 1 A ASP 311 ? A ASP 311 
3  1 Y 1 A PHE 312 ? A PHE 312 
4  1 Y 1 A GLY 313 ? A GLY 313 
5  1 Y 1 A GLY 314 ? A GLY 314 
6  1 Y 1 A VAL 346 ? A VAL 346 
7  1 Y 1 A LYS 347 ? A LYS 347 
8  1 Y 1 A THR 348 ? A THR 348 
9  1 Y 1 A ALA 349 ? A ALA 349 
10 1 Y 1 A GLY 350 ? A GLY 350 
11 1 Y 1 A LYS 351 ? A LYS 351 
12 1 Y 1 A GLU 381 ? A GLU 381 
13 1 Y 1 A PRO 382 ? A PRO 382 
14 1 Y 1 A PRO 383 ? A PRO 383 
15 1 Y 1 A LYS 384 ? A LYS 384 
16 1 Y 1 A ASP 385 ? A ASP 385 
17 1 Y 1 A HIS 386 ? A HIS 386 
18 1 Y 1 A ILE 387 ? A ILE 387 
19 1 Y 1 A VAL 388 ? A VAL 388 
20 1 Y 1 A PRO 389 ? A PRO 389 
21 1 Y 1 A TYR 390 ? A TYR 390 
# 
loop_
_chem_comp_atom.comp_id 
_chem_comp_atom.atom_id 
_chem_comp_atom.type_symbol 
_chem_comp_atom.pdbx_aromatic_flag 
_chem_comp_atom.pdbx_stereo_config 
_chem_comp_atom.pdbx_ordinal 
ALA N    N N N 1   
ALA CA   C N S 2   
ALA C    C N N 3   
ALA O    O N N 4   
ALA CB   C N N 5   
ALA OXT  O N N 6   
ALA H    H N N 7   
ALA H2   H N N 8   
ALA HA   H N N 9   
ALA HB1  H N N 10  
ALA HB2  H N N 11  
ALA HB3  H N N 12  
ALA HXT  H N N 13  
ARG N    N N N 14  
ARG CA   C N S 15  
ARG C    C N N 16  
ARG O    O N N 17  
ARG CB   C N N 18  
ARG CG   C N N 19  
ARG CD   C N N 20  
ARG NE   N N N 21  
ARG CZ   C N N 22  
ARG NH1  N N N 23  
ARG NH2  N N N 24  
ARG OXT  O N N 25  
ARG H    H N N 26  
ARG H2   H N N 27  
ARG HA   H N N 28  
ARG HB2  H N N 29  
ARG HB3  H N N 30  
ARG HG2  H N N 31  
ARG HG3  H N N 32  
ARG HD2  H N N 33  
ARG HD3  H N N 34  
ARG HE   H N N 35  
ARG HH11 H N N 36  
ARG HH12 H N N 37  
ARG HH21 H N N 38  
ARG HH22 H N N 39  
ARG HXT  H N N 40  
ASN N    N N N 41  
ASN CA   C N S 42  
ASN C    C N N 43  
ASN O    O N N 44  
ASN CB   C N N 45  
ASN CG   C N N 46  
ASN OD1  O N N 47  
ASN ND2  N N N 48  
ASN OXT  O N N 49  
ASN H    H N N 50  
ASN H2   H N N 51  
ASN HA   H N N 52  
ASN HB2  H N N 53  
ASN HB3  H N N 54  
ASN HD21 H N N 55  
ASN HD22 H N N 56  
ASN HXT  H N N 57  
ASP N    N N N 58  
ASP CA   C N S 59  
ASP C    C N N 60  
ASP O    O N N 61  
ASP CB   C N N 62  
ASP CG   C N N 63  
ASP OD1  O N N 64  
ASP OD2  O N N 65  
ASP OXT  O N N 66  
ASP H    H N N 67  
ASP H2   H N N 68  
ASP HA   H N N 69  
ASP HB2  H N N 70  
ASP HB3  H N N 71  
ASP HD2  H N N 72  
ASP HXT  H N N 73  
CYS N    N N N 74  
CYS CA   C N R 75  
CYS C    C N N 76  
CYS O    O N N 77  
CYS CB   C N N 78  
CYS SG   S N N 79  
CYS OXT  O N N 80  
CYS H    H N N 81  
CYS H2   H N N 82  
CYS HA   H N N 83  
CYS HB2  H N N 84  
CYS HB3  H N N 85  
CYS HG   H N N 86  
CYS HXT  H N N 87  
GLN N    N N N 88  
GLN CA   C N S 89  
GLN C    C N N 90  
GLN O    O N N 91  
GLN CB   C N N 92  
GLN CG   C N N 93  
GLN CD   C N N 94  
GLN OE1  O N N 95  
GLN NE2  N N N 96  
GLN OXT  O N N 97  
GLN H    H N N 98  
GLN H2   H N N 99  
GLN HA   H N N 100 
GLN HB2  H N N 101 
GLN HB3  H N N 102 
GLN HG2  H N N 103 
GLN HG3  H N N 104 
GLN HE21 H N N 105 
GLN HE22 H N N 106 
GLN HXT  H N N 107 
GLU N    N N N 108 
GLU CA   C N S 109 
GLU C    C N N 110 
GLU O    O N N 111 
GLU CB   C N N 112 
GLU CG   C N N 113 
GLU CD   C N N 114 
GLU OE1  O N N 115 
GLU OE2  O N N 116 
GLU OXT  O N N 117 
GLU H    H N N 118 
GLU H2   H N N 119 
GLU HA   H N N 120 
GLU HB2  H N N 121 
GLU HB3  H N N 122 
GLU HG2  H N N 123 
GLU HG3  H N N 124 
GLU HE2  H N N 125 
GLU HXT  H N N 126 
GLY N    N N N 127 
GLY CA   C N N 128 
GLY C    C N N 129 
GLY O    O N N 130 
GLY OXT  O N N 131 
GLY H    H N N 132 
GLY H2   H N N 133 
GLY HA2  H N N 134 
GLY HA3  H N N 135 
GLY HXT  H N N 136 
HIS N    N N N 137 
HIS CA   C N S 138 
HIS C    C N N 139 
HIS O    O N N 140 
HIS CB   C N N 141 
HIS CG   C Y N 142 
HIS ND1  N Y N 143 
HIS CD2  C Y N 144 
HIS CE1  C Y N 145 
HIS NE2  N Y N 146 
HIS OXT  O N N 147 
HIS H    H N N 148 
HIS H2   H N N 149 
HIS HA   H N N 150 
HIS HB2  H N N 151 
HIS HB3  H N N 152 
HIS HD1  H N N 153 
HIS HD2  H N N 154 
HIS HE1  H N N 155 
HIS HE2  H N N 156 
HIS HXT  H N N 157 
ILE N    N N N 158 
ILE CA   C N S 159 
ILE C    C N N 160 
ILE O    O N N 161 
ILE CB   C N S 162 
ILE CG1  C N N 163 
ILE CG2  C N N 164 
ILE CD1  C N N 165 
ILE OXT  O N N 166 
ILE H    H N N 167 
ILE H2   H N N 168 
ILE HA   H N N 169 
ILE HB   H N N 170 
ILE HG12 H N N 171 
ILE HG13 H N N 172 
ILE HG21 H N N 173 
ILE HG22 H N N 174 
ILE HG23 H N N 175 
ILE HD11 H N N 176 
ILE HD12 H N N 177 
ILE HD13 H N N 178 
ILE HXT  H N N 179 
LEU N    N N N 180 
LEU CA   C N S 181 
LEU C    C N N 182 
LEU O    O N N 183 
LEU CB   C N N 184 
LEU CG   C N N 185 
LEU CD1  C N N 186 
LEU CD2  C N N 187 
LEU OXT  O N N 188 
LEU H    H N N 189 
LEU H2   H N N 190 
LEU HA   H N N 191 
LEU HB2  H N N 192 
LEU HB3  H N N 193 
LEU HG   H N N 194 
LEU HD11 H N N 195 
LEU HD12 H N N 196 
LEU HD13 H N N 197 
LEU HD21 H N N 198 
LEU HD22 H N N 199 
LEU HD23 H N N 200 
LEU HXT  H N N 201 
LYS N    N N N 202 
LYS CA   C N S 203 
LYS C    C N N 204 
LYS O    O N N 205 
LYS CB   C N N 206 
LYS CG   C N N 207 
LYS CD   C N N 208 
LYS CE   C N N 209 
LYS NZ   N N N 210 
LYS OXT  O N N 211 
LYS H    H N N 212 
LYS H2   H N N 213 
LYS HA   H N N 214 
LYS HB2  H N N 215 
LYS HB3  H N N 216 
LYS HG2  H N N 217 
LYS HG3  H N N 218 
LYS HD2  H N N 219 
LYS HD3  H N N 220 
LYS HE2  H N N 221 
LYS HE3  H N N 222 
LYS HZ1  H N N 223 
LYS HZ2  H N N 224 
LYS HZ3  H N N 225 
LYS HXT  H N N 226 
MET N    N N N 227 
MET CA   C N S 228 
MET C    C N N 229 
MET O    O N N 230 
MET CB   C N N 231 
MET CG   C N N 232 
MET SD   S N N 233 
MET CE   C N N 234 
MET OXT  O N N 235 
MET H    H N N 236 
MET H2   H N N 237 
MET HA   H N N 238 
MET HB2  H N N 239 
MET HB3  H N N 240 
MET HG2  H N N 241 
MET HG3  H N N 242 
MET HE1  H N N 243 
MET HE2  H N N 244 
MET HE3  H N N 245 
MET HXT  H N N 246 
PHE N    N N N 247 
PHE CA   C N S 248 
PHE C    C N N 249 
PHE O    O N N 250 
PHE CB   C N N 251 
PHE CG   C Y N 252 
PHE CD1  C Y N 253 
PHE CD2  C Y N 254 
PHE CE1  C Y N 255 
PHE CE2  C Y N 256 
PHE CZ   C Y N 257 
PHE OXT  O N N 258 
PHE H    H N N 259 
PHE H2   H N N 260 
PHE HA   H N N 261 
PHE HB2  H N N 262 
PHE HB3  H N N 263 
PHE HD1  H N N 264 
PHE HD2  H N N 265 
PHE HE1  H N N 266 
PHE HE2  H N N 267 
PHE HZ   H N N 268 
PHE HXT  H N N 269 
PRO N    N N N 270 
PRO CA   C N S 271 
PRO C    C N N 272 
PRO O    O N N 273 
PRO CB   C N N 274 
PRO CG   C N N 275 
PRO CD   C N N 276 
PRO OXT  O N N 277 
PRO H    H N N 278 
PRO HA   H N N 279 
PRO HB2  H N N 280 
PRO HB3  H N N 281 
PRO HG2  H N N 282 
PRO HG3  H N N 283 
PRO HD2  H N N 284 
PRO HD3  H N N 285 
PRO HXT  H N N 286 
SER N    N N N 287 
SER CA   C N S 288 
SER C    C N N 289 
SER O    O N N 290 
SER CB   C N N 291 
SER OG   O N N 292 
SER OXT  O N N 293 
SER H    H N N 294 
SER H2   H N N 295 
SER HA   H N N 296 
SER HB2  H N N 297 
SER HB3  H N N 298 
SER HG   H N N 299 
SER HXT  H N N 300 
THR N    N N N 301 
THR CA   C N S 302 
THR C    C N N 303 
THR O    O N N 304 
THR CB   C N R 305 
THR OG1  O N N 306 
THR CG2  C N N 307 
THR OXT  O N N 308 
THR H    H N N 309 
THR H2   H N N 310 
THR HA   H N N 311 
THR HB   H N N 312 
THR HG1  H N N 313 
THR HG21 H N N 314 
THR HG22 H N N 315 
THR HG23 H N N 316 
THR HXT  H N N 317 
TRP N    N N N 318 
TRP CA   C N S 319 
TRP C    C N N 320 
TRP O    O N N 321 
TRP CB   C N N 322 
TRP CG   C Y N 323 
TRP CD1  C Y N 324 
TRP CD2  C Y N 325 
TRP NE1  N Y N 326 
TRP CE2  C Y N 327 
TRP CE3  C Y N 328 
TRP CZ2  C Y N 329 
TRP CZ3  C Y N 330 
TRP CH2  C Y N 331 
TRP OXT  O N N 332 
TRP H    H N N 333 
TRP H2   H N N 334 
TRP HA   H N N 335 
TRP HB2  H N N 336 
TRP HB3  H N N 337 
TRP HD1  H N N 338 
TRP HE1  H N N 339 
TRP HE3  H N N 340 
TRP HZ2  H N N 341 
TRP HZ3  H N N 342 
TRP HH2  H N N 343 
TRP HXT  H N N 344 
TYR N    N N N 345 
TYR CA   C N S 346 
TYR C    C N N 347 
TYR O    O N N 348 
TYR CB   C N N 349 
TYR CG   C Y N 350 
TYR CD1  C Y N 351 
TYR CD2  C Y N 352 
TYR CE1  C Y N 353 
TYR CE2  C Y N 354 
TYR CZ   C Y N 355 
TYR OH   O N N 356 
TYR OXT  O N N 357 
TYR H    H N N 358 
TYR H2   H N N 359 
TYR HA   H N N 360 
TYR HB2  H N N 361 
TYR HB3  H N N 362 
TYR HD1  H N N 363 
TYR HD2  H N N 364 
TYR HE1  H N N 365 
TYR HE2  H N N 366 
TYR HH   H N N 367 
TYR HXT  H N N 368 
VAL N    N N N 369 
VAL CA   C N S 370 
VAL C    C N N 371 
VAL O    O N N 372 
VAL CB   C N N 373 
VAL CG1  C N N 374 
VAL CG2  C N N 375 
VAL OXT  O N N 376 
VAL H    H N N 377 
VAL H2   H N N 378 
VAL HA   H N N 379 
VAL HB   H N N 380 
VAL HG11 H N N 381 
VAL HG12 H N N 382 
VAL HG13 H N N 383 
VAL HG21 H N N 384 
VAL HG22 H N N 385 
VAL HG23 H N N 386 
VAL HXT  H N N 387 
# 
loop_
_chem_comp_bond.comp_id 
_chem_comp_bond.atom_id_1 
_chem_comp_bond.atom_id_2 
_chem_comp_bond.value_order 
_chem_comp_bond.pdbx_aromatic_flag 
_chem_comp_bond.pdbx_stereo_config 
_chem_comp_bond.pdbx_ordinal 
ALA N   CA   sing N N 1   
ALA N   H    sing N N 2   
ALA N   H2   sing N N 3   
ALA CA  C    sing N N 4   
ALA CA  CB   sing N N 5   
ALA CA  HA   sing N N 6   
ALA C   O    doub N N 7   
ALA C   OXT  sing N N 8   
ALA CB  HB1  sing N N 9   
ALA CB  HB2  sing N N 10  
ALA CB  HB3  sing N N 11  
ALA OXT HXT  sing N N 12  
ARG N   CA   sing N N 13  
ARG N   H    sing N N 14  
ARG N   H2   sing N N 15  
ARG CA  C    sing N N 16  
ARG CA  CB   sing N N 17  
ARG CA  HA   sing N N 18  
ARG C   O    doub N N 19  
ARG C   OXT  sing N N 20  
ARG CB  CG   sing N N 21  
ARG CB  HB2  sing N N 22  
ARG CB  HB3  sing N N 23  
ARG CG  CD   sing N N 24  
ARG CG  HG2  sing N N 25  
ARG CG  HG3  sing N N 26  
ARG CD  NE   sing N N 27  
ARG CD  HD2  sing N N 28  
ARG CD  HD3  sing N N 29  
ARG NE  CZ   sing N N 30  
ARG NE  HE   sing N N 31  
ARG CZ  NH1  sing N N 32  
ARG CZ  NH2  doub N N 33  
ARG NH1 HH11 sing N N 34  
ARG NH1 HH12 sing N N 35  
ARG NH2 HH21 sing N N 36  
ARG NH2 HH22 sing N N 37  
ARG OXT HXT  sing N N 38  
ASN N   CA   sing N N 39  
ASN N   H    sing N N 40  
ASN N   H2   sing N N 41  
ASN CA  C    sing N N 42  
ASN CA  CB   sing N N 43  
ASN CA  HA   sing N N 44  
ASN C   O    doub N N 45  
ASN C   OXT  sing N N 46  
ASN CB  CG   sing N N 47  
ASN CB  HB2  sing N N 48  
ASN CB  HB3  sing N N 49  
ASN CG  OD1  doub N N 50  
ASN CG  ND2  sing N N 51  
ASN ND2 HD21 sing N N 52  
ASN ND2 HD22 sing N N 53  
ASN OXT HXT  sing N N 54  
ASP N   CA   sing N N 55  
ASP N   H    sing N N 56  
ASP N   H2   sing N N 57  
ASP CA  C    sing N N 58  
ASP CA  CB   sing N N 59  
ASP CA  HA   sing N N 60  
ASP C   O    doub N N 61  
ASP C   OXT  sing N N 62  
ASP CB  CG   sing N N 63  
ASP CB  HB2  sing N N 64  
ASP CB  HB3  sing N N 65  
ASP CG  OD1  doub N N 66  
ASP CG  OD2  sing N N 67  
ASP OD2 HD2  sing N N 68  
ASP OXT HXT  sing N N 69  
CYS N   CA   sing N N 70  
CYS N   H    sing N N 71  
CYS N   H2   sing N N 72  
CYS CA  C    sing N N 73  
CYS CA  CB   sing N N 74  
CYS CA  HA   sing N N 75  
CYS C   O    doub N N 76  
CYS C   OXT  sing N N 77  
CYS CB  SG   sing N N 78  
CYS CB  HB2  sing N N 79  
CYS CB  HB3  sing N N 80  
CYS SG  HG   sing N N 81  
CYS OXT HXT  sing N N 82  
GLN N   CA   sing N N 83  
GLN N   H    sing N N 84  
GLN N   H2   sing N N 85  
GLN CA  C    sing N N 86  
GLN CA  CB   sing N N 87  
GLN CA  HA   sing N N 88  
GLN C   O    doub N N 89  
GLN C   OXT  sing N N 90  
GLN CB  CG   sing N N 91  
GLN CB  HB2  sing N N 92  
GLN CB  HB3  sing N N 93  
GLN CG  CD   sing N N 94  
GLN CG  HG2  sing N N 95  
GLN CG  HG3  sing N N 96  
GLN CD  OE1  doub N N 97  
GLN CD  NE2  sing N N 98  
GLN NE2 HE21 sing N N 99  
GLN NE2 HE22 sing N N 100 
GLN OXT HXT  sing N N 101 
GLU N   CA   sing N N 102 
GLU N   H    sing N N 103 
GLU N   H2   sing N N 104 
GLU CA  C    sing N N 105 
GLU CA  CB   sing N N 106 
GLU CA  HA   sing N N 107 
GLU C   O    doub N N 108 
GLU C   OXT  sing N N 109 
GLU CB  CG   sing N N 110 
GLU CB  HB2  sing N N 111 
GLU CB  HB3  sing N N 112 
GLU CG  CD   sing N N 113 
GLU CG  HG2  sing N N 114 
GLU CG  HG3  sing N N 115 
GLU CD  OE1  doub N N 116 
GLU CD  OE2  sing N N 117 
GLU OE2 HE2  sing N N 118 
GLU OXT HXT  sing N N 119 
GLY N   CA   sing N N 120 
GLY N   H    sing N N 121 
GLY N   H2   sing N N 122 
GLY CA  C    sing N N 123 
GLY CA  HA2  sing N N 124 
GLY CA  HA3  sing N N 125 
GLY C   O    doub N N 126 
GLY C   OXT  sing N N 127 
GLY OXT HXT  sing N N 128 
HIS N   CA   sing N N 129 
HIS N   H    sing N N 130 
HIS N   H2   sing N N 131 
HIS CA  C    sing N N 132 
HIS CA  CB   sing N N 133 
HIS CA  HA   sing N N 134 
HIS C   O    doub N N 135 
HIS C   OXT  sing N N 136 
HIS CB  CG   sing N N 137 
HIS CB  HB2  sing N N 138 
HIS CB  HB3  sing N N 139 
HIS CG  ND1  sing Y N 140 
HIS CG  CD2  doub Y N 141 
HIS ND1 CE1  doub Y N 142 
HIS ND1 HD1  sing N N 143 
HIS CD2 NE2  sing Y N 144 
HIS CD2 HD2  sing N N 145 
HIS CE1 NE2  sing Y N 146 
HIS CE1 HE1  sing N N 147 
HIS NE2 HE2  sing N N 148 
HIS OXT HXT  sing N N 149 
ILE N   CA   sing N N 150 
ILE N   H    sing N N 151 
ILE N   H2   sing N N 152 
ILE CA  C    sing N N 153 
ILE CA  CB   sing N N 154 
ILE CA  HA   sing N N 155 
ILE C   O    doub N N 156 
ILE C   OXT  sing N N 157 
ILE CB  CG1  sing N N 158 
ILE CB  CG2  sing N N 159 
ILE CB  HB   sing N N 160 
ILE CG1 CD1  sing N N 161 
ILE CG1 HG12 sing N N 162 
ILE CG1 HG13 sing N N 163 
ILE CG2 HG21 sing N N 164 
ILE CG2 HG22 sing N N 165 
ILE CG2 HG23 sing N N 166 
ILE CD1 HD11 sing N N 167 
ILE CD1 HD12 sing N N 168 
ILE CD1 HD13 sing N N 169 
ILE OXT HXT  sing N N 170 
LEU N   CA   sing N N 171 
LEU N   H    sing N N 172 
LEU N   H2   sing N N 173 
LEU CA  C    sing N N 174 
LEU CA  CB   sing N N 175 
LEU CA  HA   sing N N 176 
LEU C   O    doub N N 177 
LEU C   OXT  sing N N 178 
LEU CB  CG   sing N N 179 
LEU CB  HB2  sing N N 180 
LEU CB  HB3  sing N N 181 
LEU CG  CD1  sing N N 182 
LEU CG  CD2  sing N N 183 
LEU CG  HG   sing N N 184 
LEU CD1 HD11 sing N N 185 
LEU CD1 HD12 sing N N 186 
LEU CD1 HD13 sing N N 187 
LEU CD2 HD21 sing N N 188 
LEU CD2 HD22 sing N N 189 
LEU CD2 HD23 sing N N 190 
LEU OXT HXT  sing N N 191 
LYS N   CA   sing N N 192 
LYS N   H    sing N N 193 
LYS N   H2   sing N N 194 
LYS CA  C    sing N N 195 
LYS CA  CB   sing N N 196 
LYS CA  HA   sing N N 197 
LYS C   O    doub N N 198 
LYS C   OXT  sing N N 199 
LYS CB  CG   sing N N 200 
LYS CB  HB2  sing N N 201 
LYS CB  HB3  sing N N 202 
LYS CG  CD   sing N N 203 
LYS CG  HG2  sing N N 204 
LYS CG  HG3  sing N N 205 
LYS CD  CE   sing N N 206 
LYS CD  HD2  sing N N 207 
LYS CD  HD3  sing N N 208 
LYS CE  NZ   sing N N 209 
LYS CE  HE2  sing N N 210 
LYS CE  HE3  sing N N 211 
LYS NZ  HZ1  sing N N 212 
LYS NZ  HZ2  sing N N 213 
LYS NZ  HZ3  sing N N 214 
LYS OXT HXT  sing N N 215 
MET N   CA   sing N N 216 
MET N   H    sing N N 217 
MET N   H2   sing N N 218 
MET CA  C    sing N N 219 
MET CA  CB   sing N N 220 
MET CA  HA   sing N N 221 
MET C   O    doub N N 222 
MET C   OXT  sing N N 223 
MET CB  CG   sing N N 224 
MET CB  HB2  sing N N 225 
MET CB  HB3  sing N N 226 
MET CG  SD   sing N N 227 
MET CG  HG2  sing N N 228 
MET CG  HG3  sing N N 229 
MET SD  CE   sing N N 230 
MET CE  HE1  sing N N 231 
MET CE  HE2  sing N N 232 
MET CE  HE3  sing N N 233 
MET OXT HXT  sing N N 234 
PHE N   CA   sing N N 235 
PHE N   H    sing N N 236 
PHE N   H2   sing N N 237 
PHE CA  C    sing N N 238 
PHE CA  CB   sing N N 239 
PHE CA  HA   sing N N 240 
PHE C   O    doub N N 241 
PHE C   OXT  sing N N 242 
PHE CB  CG   sing N N 243 
PHE CB  HB2  sing N N 244 
PHE CB  HB3  sing N N 245 
PHE CG  CD1  doub Y N 246 
PHE CG  CD2  sing Y N 247 
PHE CD1 CE1  sing Y N 248 
PHE CD1 HD1  sing N N 249 
PHE CD2 CE2  doub Y N 250 
PHE CD2 HD2  sing N N 251 
PHE CE1 CZ   doub Y N 252 
PHE CE1 HE1  sing N N 253 
PHE CE2 CZ   sing Y N 254 
PHE CE2 HE2  sing N N 255 
PHE CZ  HZ   sing N N 256 
PHE OXT HXT  sing N N 257 
PRO N   CA   sing N N 258 
PRO N   CD   sing N N 259 
PRO N   H    sing N N 260 
PRO CA  C    sing N N 261 
PRO CA  CB   sing N N 262 
PRO CA  HA   sing N N 263 
PRO C   O    doub N N 264 
PRO C   OXT  sing N N 265 
PRO CB  CG   sing N N 266 
PRO CB  HB2  sing N N 267 
PRO CB  HB3  sing N N 268 
PRO CG  CD   sing N N 269 
PRO CG  HG2  sing N N 270 
PRO CG  HG3  sing N N 271 
PRO CD  HD2  sing N N 272 
PRO CD  HD3  sing N N 273 
PRO OXT HXT  sing N N 274 
SER N   CA   sing N N 275 
SER N   H    sing N N 276 
SER N   H2   sing N N 277 
SER CA  C    sing N N 278 
SER CA  CB   sing N N 279 
SER CA  HA   sing N N 280 
SER C   O    doub N N 281 
SER C   OXT  sing N N 282 
SER CB  OG   sing N N 283 
SER CB  HB2  sing N N 284 
SER CB  HB3  sing N N 285 
SER OG  HG   sing N N 286 
SER OXT HXT  sing N N 287 
THR N   CA   sing N N 288 
THR N   H    sing N N 289 
THR N   H2   sing N N 290 
THR CA  C    sing N N 291 
THR CA  CB   sing N N 292 
THR CA  HA   sing N N 293 
THR C   O    doub N N 294 
THR C   OXT  sing N N 295 
THR CB  OG1  sing N N 296 
THR CB  CG2  sing N N 297 
THR CB  HB   sing N N 298 
THR OG1 HG1  sing N N 299 
THR CG2 HG21 sing N N 300 
THR CG2 HG22 sing N N 301 
THR CG2 HG23 sing N N 302 
THR OXT HXT  sing N N 303 
TRP N   CA   sing N N 304 
TRP N   H    sing N N 305 
TRP N   H2   sing N N 306 
TRP CA  C    sing N N 307 
TRP CA  CB   sing N N 308 
TRP CA  HA   sing N N 309 
TRP C   O    doub N N 310 
TRP C   OXT  sing N N 311 
TRP CB  CG   sing N N 312 
TRP CB  HB2  sing N N 313 
TRP CB  HB3  sing N N 314 
TRP CG  CD1  doub Y N 315 
TRP CG  CD2  sing Y N 316 
TRP CD1 NE1  sing Y N 317 
TRP CD1 HD1  sing N N 318 
TRP CD2 CE2  doub Y N 319 
TRP CD2 CE3  sing Y N 320 
TRP NE1 CE2  sing Y N 321 
TRP NE1 HE1  sing N N 322 
TRP CE2 CZ2  sing Y N 323 
TRP CE3 CZ3  doub Y N 324 
TRP CE3 HE3  sing N N 325 
TRP CZ2 CH2  doub Y N 326 
TRP CZ2 HZ2  sing N N 327 
TRP CZ3 CH2  sing Y N 328 
TRP CZ3 HZ3  sing N N 329 
TRP CH2 HH2  sing N N 330 
TRP OXT HXT  sing N N 331 
TYR N   CA   sing N N 332 
TYR N   H    sing N N 333 
TYR N   H2   sing N N 334 
TYR CA  C    sing N N 335 
TYR CA  CB   sing N N 336 
TYR CA  HA   sing N N 337 
TYR C   O    doub N N 338 
TYR C   OXT  sing N N 339 
TYR CB  CG   sing N N 340 
TYR CB  HB2  sing N N 341 
TYR CB  HB3  sing N N 342 
TYR CG  CD1  doub Y N 343 
TYR CG  CD2  sing Y N 344 
TYR CD1 CE1  sing Y N 345 
TYR CD1 HD1  sing N N 346 
TYR CD2 CE2  doub Y N 347 
TYR CD2 HD2  sing N N 348 
TYR CE1 CZ   doub Y N 349 
TYR CE1 HE1  sing N N 350 
TYR CE2 CZ   sing Y N 351 
TYR CE2 HE2  sing N N 352 
TYR CZ  OH   sing N N 353 
TYR OH  HH   sing N N 354 
TYR OXT HXT  sing N N 355 
VAL N   CA   sing N N 356 
VAL N   H    sing N N 357 
VAL N   H2   sing N N 358 
VAL CA  C    sing N N 359 
VAL CA  CB   sing N N 360 
VAL CA  HA   sing N N 361 
VAL C   O    doub N N 362 
VAL C   OXT  sing N N 363 
VAL CB  CG1  sing N N 364 
VAL CB  CG2  sing N N 365 
VAL CB  HB   sing N N 366 
VAL CG1 HG11 sing N N 367 
VAL CG1 HG12 sing N N 368 
VAL CG1 HG13 sing N N 369 
VAL CG2 HG21 sing N N 370 
VAL CG2 HG22 sing N N 371 
VAL CG2 HG23 sing N N 372 
VAL OXT HXT  sing N N 373 
# 
_pdbx_coordinate_model.asym_id   A 
_pdbx_coordinate_model.type      'CA ATOMS ONLY' 
# 
_atom_sites.entry_id                    1I9W 
_atom_sites.fract_transf_matrix[1][1]   0.00229403 
_atom_sites.fract_transf_matrix[1][2]   -0.00801233 
_atom_sites.fract_transf_matrix[1][3]   -0.01190450 
_atom_sites.fract_transf_matrix[2][1]   -0.01126333 
_atom_sites.fract_transf_matrix[2][2]   -0.00565839 
_atom_sites.fract_transf_matrix[2][3]   -0.00723181 
_atom_sites.fract_transf_matrix[3][1]   -0.00015380 
_atom_sites.fract_transf_matrix[3][2]   0.00246091 
_atom_sites.fract_transf_matrix[3][3]   -0.00168595 
_atom_sites.fract_transf_vector[1]      0.137940 
_atom_sites.fract_transf_vector[2]      0.716732 
_atom_sites.fract_transf_vector[3]      0.538502 
# 
_atom_type.symbol   C 
# 
loop_
_atom_site.group_PDB 
_atom_site.id 
_atom_site.type_symbol 
_atom_site.label_atom_id 
_atom_site.label_alt_id 
_atom_site.label_comp_id 
_atom_site.label_asym_id 
_atom_site.label_entity_id 
_atom_site.label_seq_id 
_atom_site.pdbx_PDB_ins_code 
_atom_site.Cartn_x 
_atom_site.Cartn_y 
_atom_site.Cartn_z 
_atom_site.occupancy 
_atom_site.B_iso_or_equiv 
_atom_site.pdbx_formal_charge 
_atom_site.auth_seq_id 
_atom_site.auth_comp_id 
_atom_site.auth_asym_id 
_atom_site.auth_atom_id 
_atom_site.pdbx_PDB_model_num 
ATOM 1   C CA . TYR A 1 1   ? 3.696   26.668  -22.220 1.00 61.58 ? 1   TYR A CA 1 
ATOM 2   C CA . GLU A 1 2   ? 6.777   25.393  -20.472 1.00 69.01 ? 2   GLU A CA 1 
ATOM 3   C CA . HIS A 1 3   ? 6.401   25.874  -16.684 1.00 68.92 ? 3   HIS A CA 1 
ATOM 4   C CA . SER A 1 4   ? 7.459   23.988  -13.554 1.00 84.86 ? 4   SER A CA 1 
ATOM 5   C CA . THR A 1 5   ? 6.885   23.998  -9.791  1.00 75.19 ? 5   THR A CA 1 
ATOM 6   C CA . VAL A 1 6   ? 7.052   21.654  -6.820  1.00 61.79 ? 6   VAL A CA 1 
ATOM 7   C CA . MET A 1 7   ? 4.203   20.856  -4.449  1.00 61.10 ? 7   MET A CA 1 
ATOM 8   C CA . PRO A 1 8   ? 4.494   19.168  -1.039  1.00 49.24 ? 8   PRO A CA 1 
ATOM 9   C CA . ASN A 1 9   ? 2.934   15.716  -0.861  1.00 43.41 ? 9   ASN A CA 1 
ATOM 10  C CA . VAL A 1 10  ? -0.017  16.098  1.466   1.00 37.02 ? 10  VAL A CA 1 
ATOM 11  C CA . VAL A 1 11  ? -3.710  15.531  0.978   1.00 38.58 ? 11  VAL A CA 1 
ATOM 12  C CA . GLY A 1 12  ? -5.775  18.700  1.108   1.00 73.85 ? 12  GLY A CA 1 
ATOM 13  C CA . PHE A 1 13  ? -3.539  21.732  0.727   1.00 72.39 ? 13  PHE A CA 1 
ATOM 14  C CA . PRO A 1 14  ? -4.839  24.278  -1.814  1.00 79.08 ? 14  PRO A CA 1 
ATOM 15  C CA . TYR A 1 15  ? -1.548  24.780  -3.649  1.00 70.48 ? 15  TYR A CA 1 
ATOM 16  C CA . LYS A 1 16  ? -1.006  28.147  -5.247  1.00 69.79 ? 16  LYS A CA 1 
ATOM 17  C CA . ALA A 1 17  ? 1.105   28.679  -8.303  1.00 73.60 ? 17  ALA A CA 1 
ATOM 18  C CA . HIS A 1 18  ? 1.307   32.103  -9.871  1.00 56.46 ? 18  HIS A CA 1 
ATOM 19  C CA . ILE A 1 19  ? 2.817   32.320  -13.317 1.00 92.41 ? 19  ILE A CA 1 
ATOM 20  C CA . GLU A 1 20  ? 4.782   35.443  -14.119 1.00 71.67 ? 20  GLU A CA 1 
ATOM 21  C CA . ARG A 1 21  ? 4.834   35.507  -17.902 1.00 98.53 ? 21  ARG A CA 1 
ATOM 22  C CA . PRO A 1 22  ? 6.167   38.541  -19.857 1.00 68.04 ? 22  PRO A CA 1 
ATOM 23  C CA . GLY A 1 23  ? 3.416   39.479  -22.239 1.00 51.03 ? 23  GLY A CA 1 
ATOM 24  C CA . TYR A 1 24  ? 0.335   38.027  -20.620 1.00 99.00 ? 24  TYR A CA 1 
ATOM 25  C CA . SER A 1 25  ? -1.479  38.506  -17.356 1.00 56.44 ? 25  SER A CA 1 
ATOM 26  C CA . PRO A 1 26  ? -0.277  36.316  -14.446 1.00 99.00 ? 26  PRO A CA 1 
ATOM 27  C CA . LEU A 1 27  ? -1.725  32.819  -14.119 1.00 79.98 ? 27  LEU A CA 1 
ATOM 28  C CA . THR A 1 28  ? -3.122  31.278  -10.958 1.00 78.51 ? 28  THR A CA 1 
ATOM 29  C CA . LEU A 1 29  ? -2.631  27.522  -10.946 1.00 71.01 ? 29  LEU A CA 1 
ATOM 30  C CA . GLN A 1 30  ? -4.477  25.880  -8.050  1.00 61.65 ? 30  GLN A CA 1 
ATOM 31  C CA . MET A 1 31  ? -3.871  22.155  -7.440  1.00 59.04 ? 31  MET A CA 1 
ATOM 32  C CA . GLN A 1 32  ? -4.269  19.940  -4.375  1.00 63.29 ? 32  GLN A CA 1 
ATOM 33  C CA . VAL A 1 33  ? -3.585  16.250  -3.749  1.00 40.01 ? 33  VAL A CA 1 
ATOM 34  C CA . VAL A 1 34  ? -7.032  14.657  -3.080  1.00 69.94 ? 34  VAL A CA 1 
ATOM 35  C CA . GLU A 1 35  ? -5.535  11.302  -2.072  1.00 58.73 ? 35  GLU A CA 1 
ATOM 36  C CA . THR A 1 36  ? -2.424  9.288   -2.804  1.00 67.36 ? 36  THR A CA 1 
ATOM 37  C CA . SER A 1 37  ? -1.785  5.565   -2.827  1.00 44.21 ? 37  SER A CA 1 
ATOM 38  C CA . LEU A 1 38  ? 1.597   3.945   -2.514  1.00 32.84 ? 38  LEU A CA 1 
ATOM 39  C CA . GLU A 1 39  ? 1.337   0.331   -3.594  1.00 49.07 ? 39  GLU A CA 1 
ATOM 40  C CA . PRO A 1 40  ? 4.351   -2.007  -3.739  1.00 36.56 ? 40  PRO A CA 1 
ATOM 41  C CA . THR A 1 41  ? 4.844   -4.601  -6.411  1.00 44.86 ? 41  THR A CA 1 
ATOM 42  C CA . LEU A 1 42  ? 4.134   -7.962  -4.852  1.00 45.64 ? 42  LEU A CA 1 
ATOM 43  C CA . ASN A 1 43  ? 5.276   -11.445 -5.765  1.00 37.54 ? 43  ASN A CA 1 
ATOM 44  C CA . LEU A 1 44  ? 3.285   -14.017 -3.842  1.00 27.28 ? 44  LEU A CA 1 
ATOM 45  C CA . GLU A 1 45  ? 5.904   -16.595 -2.892  1.00 44.97 ? 45  GLU A CA 1 
ATOM 46  C CA . TYR A 1 46  ? 3.599   -18.801 -0.878  1.00 44.31 ? 46  TYR A CA 1 
ATOM 47  C CA . ILE A 1 47  ? 0.804   -19.466 1.600   1.00 42.01 ? 47  ILE A CA 1 
ATOM 48  C CA . THR A 1 48  ? 0.745   -21.127 4.982   1.00 38.62 ? 48  THR A CA 1 
ATOM 49  C CA . CYS A 1 49  ? -1.795  -22.385 7.514   1.00 50.15 ? 49  CYS A CA 1 
ATOM 50  C CA . GLU A 1 50  ? -2.566  -25.067 10.074  1.00 52.60 ? 50  GLU A CA 1 
ATOM 51  C CA . TYR A 1 51  ? -2.017  -28.640 8.924   1.00 58.44 ? 51  TYR A CA 1 
ATOM 52  C CA . LYS A 1 52  ? -3.379  -32.183 9.070   1.00 60.97 ? 52  LYS A CA 1 
ATOM 53  C CA . THR A 1 53  ? -1.270  -35.234 9.774   1.00 55.85 ? 53  THR A CA 1 
ATOM 54  C CA . VAL A 1 54  ? -2.453  -37.974 7.466   1.00 53.51 ? 54  VAL A CA 1 
ATOM 55  C CA . VAL A 1 55  ? -1.637  -41.381 8.907   1.00 33.55 ? 55  VAL A CA 1 
ATOM 56  C CA . PRO A 1 56  ? -2.504  -44.425 6.791   1.00 37.31 ? 56  PRO A CA 1 
ATOM 57  C CA . SER A 1 57  ? -3.250  -47.630 8.662   1.00 44.55 ? 57  SER A CA 1 
ATOM 58  C CA . PRO A 1 58  ? -0.410  -49.925 9.658   1.00 44.56 ? 58  PRO A CA 1 
ATOM 59  C CA . TYR A 1 59  ? 0.449   -52.695 7.219   1.00 29.78 ? 59  TYR A CA 1 
ATOM 60  C CA . VAL A 1 60  ? 1.180   -55.453 9.701   1.00 14.80 ? 60  VAL A CA 1 
ATOM 61  C CA . LYS A 1 61  ? 2.501   -58.640 8.138   1.00 48.41 ? 61  LYS A CA 1 
ATOM 62  C CA . CYS A 1 62  ? 3.343   -61.952 9.741   1.00 48.43 ? 62  CYS A CA 1 
ATOM 63  C CA . CYS A 1 63  ? 6.787   -63.395 9.138   1.00 63.92 ? 63  CYS A CA 1 
ATOM 64  C CA . GLY A 1 64  ? 7.512   -61.305 6.073   1.00 35.96 ? 64  GLY A CA 1 
ATOM 65  C CA . ALA A 1 65  ? 9.496   -58.529 4.483   1.00 38.29 ? 65  ALA A CA 1 
ATOM 66  C CA . SER A 1 66  ? 7.723   -55.264 3.833   1.00 59.73 ? 66  SER A CA 1 
ATOM 67  C CA . GLU A 1 67  ? 10.041  -52.363 2.984   1.00 52.26 ? 67  GLU A CA 1 
ATOM 68  C CA . CYS A 1 68  ? 8.228   -49.210 1.998   1.00 65.75 ? 68  CYS A CA 1 
ATOM 69  C CA . SER A 1 69  ? 9.108   -46.702 -0.709  1.00 55.81 ? 69  SER A CA 1 
ATOM 70  C CA . THR A 1 70  ? 9.285   -43.108 -1.767  1.00 57.25 ? 70  THR A CA 1 
ATOM 71  C CA . LYS A 1 71  ? 6.110   -41.147 -2.292  1.00 52.88 ? 71  LYS A CA 1 
ATOM 72  C CA . GLU A 1 72  ? 5.800   -37.552 -3.438  1.00 58.16 ? 72  GLU A CA 1 
ATOM 73  C CA . LYS A 1 73  ? 3.600   -36.840 -0.399  1.00 42.35 ? 73  LYS A CA 1 
ATOM 74  C CA . PRO A 1 74  ? 4.275   -33.659 1.658   1.00 53.29 ? 74  PRO A CA 1 
ATOM 75  C CA . ASP A 1 75  ? 6.632   -34.623 4.495   1.00 19.83 ? 75  ASP A CA 1 
ATOM 76  C CA . TYR A 1 76  ? 6.160   -38.216 3.488   1.00 49.60 ? 76  TYR A CA 1 
ATOM 77  C CA . GLN A 1 77  ? 7.500   -40.645 6.048   1.00 79.45 ? 77  GLN A CA 1 
ATOM 78  C CA . CYS A 1 78  ? 7.593   -44.436 6.187   1.00 43.18 ? 78  CYS A CA 1 
ATOM 79  C CA . LYS A 1 79  ? 9.656   -46.880 8.230   1.00 63.43 ? 79  LYS A CA 1 
ATOM 80  C CA . VAL A 1 80  ? 9.435   -50.653 8.350   1.00 39.88 ? 80  VAL A CA 1 
ATOM 81  C CA . TYR A 1 81  ? 9.814   -51.914 11.947  1.00 29.66 ? 81  TYR A CA 1 
ATOM 82  C CA . THR A 1 82  ? 10.678  -55.502 12.854  1.00 39.83 ? 82  THR A CA 1 
ATOM 83  C CA . GLY A 1 83  ? 10.300  -57.796 15.831  1.00 44.78 ? 83  GLY A CA 1 
ATOM 84  C CA . VAL A 1 84  ? 6.915   -56.192 16.442  1.00 51.17 ? 84  VAL A CA 1 
ATOM 85  C CA . TYR A 1 85  ? 3.938   -57.907 17.973  1.00 55.15 ? 85  TYR A CA 1 
ATOM 86  C CA . PRO A 1 86  ? 5.846   -61.108 18.664  1.00 61.18 ? 86  PRO A CA 1 
ATOM 87  C CA . PHE A 1 87  ? 3.549   -64.088 19.197  1.00 98.10 ? 87  PHE A CA 1 
ATOM 88  C CA . MET A 1 88  ? -0.257  -64.037 18.890  1.00 61.23 ? 88  MET A CA 1 
ATOM 89  C CA . TRP A 1 89  ? -0.720  -62.421 22.279  1.00 59.23 ? 89  TRP A CA 1 
ATOM 90  C CA . GLY A 1 90  ? 1.635   -59.895 20.722  1.00 68.38 ? 90  GLY A CA 1 
ATOM 91  C CA . GLY A 1 91  ? -1.418  -57.944 19.643  1.00 87.42 ? 91  GLY A CA 1 
ATOM 92  C CA . ALA A 1 92  ? -1.530  -58.514 15.892  1.00 32.94 ? 92  ALA A CA 1 
ATOM 93  C CA . TYR A 1 93  ? -2.265  -62.211 16.364  1.00 46.39 ? 93  TYR A CA 1 
ATOM 94  C CA . CYS A 1 94  ? 0.759   -63.009 14.240  1.00 66.03 ? 94  CYS A CA 1 
ATOM 95  C CA . PHE A 1 95  ? 2.478   -66.365 14.660  1.00 77.42 ? 95  PHE A CA 1 
ATOM 96  C CA . CYS A 1 96  ? 6.215   -65.736 14.363  1.00 79.22 ? 96  CYS A CA 1 
ATOM 97  C CA . ASP A 1 97  ? 8.143   -64.433 17.348  1.00 94.23 ? 97  ASP A CA 1 
ATOM 98  C CA . SER A 1 98  ? 10.637  -62.415 15.386  1.00 70.06 ? 98  SER A CA 1 
ATOM 99  C CA . GLU A 1 99  ? 9.892   -61.894 11.682  1.00 56.65 ? 99  GLU A CA 1 
ATOM 100 C CA . ASN A 1 100 ? 6.732   -59.831 12.054  1.00 65.22 ? 100 ASN A CA 1 
ATOM 101 C CA . THR A 1 101 ? 7.159   -56.450 10.370  1.00 54.78 ? 101 THR A CA 1 
ATOM 102 C CA . GLN A 1 102 ? 4.900   -53.378 10.486  1.00 47.00 ? 102 GLN A CA 1 
ATOM 103 C CA . LEU A 1 103 ? 5.221   -50.660 7.873   1.00 34.50 ? 103 LEU A CA 1 
ATOM 104 C CA . SER A 1 104 ? 4.239   -47.338 9.398   1.00 48.93 ? 104 SER A CA 1 
ATOM 105 C CA . GLU A 1 105 ? 4.083   -44.235 7.251   1.00 54.37 ? 105 GLU A CA 1 
ATOM 106 C CA . ALA A 1 106 ? 2.429   -40.880 7.487   1.00 28.36 ? 106 ALA A CA 1 
ATOM 107 C CA . TYR A 1 107 ? 2.487   -37.499 5.782   1.00 46.56 ? 107 TYR A CA 1 
ATOM 108 C CA . VAL A 1 108 ? 1.037   -34.018 6.165   1.00 38.73 ? 108 VAL A CA 1 
ATOM 109 C CA . ASP A 1 109 ? -1.680  -32.331 4.182   1.00 38.89 ? 109 ASP A CA 1 
ATOM 110 C CA . ARG A 1 110 ? -3.177  -28.821 4.127   1.00 58.62 ? 110 ARG A CA 1 
ATOM 111 C CA . SER A 1 111 ? -5.809  -28.627 6.907   1.00 61.47 ? 111 SER A CA 1 
ATOM 112 C CA . ASP A 1 112 ? -9.123  -27.963 5.136   1.00 85.39 ? 112 ASP A CA 1 
ATOM 113 C CA . VAL A 1 113 ? -9.517  -24.722 7.110   1.00 44.45 ? 113 VAL A CA 1 
ATOM 114 C CA . CYS A 1 114 ? -6.566  -23.412 5.064   1.00 57.75 ? 114 CYS A CA 1 
ATOM 115 C CA . ARG A 1 115 ? -8.566  -22.517 1.949   1.00 85.18 ? 115 ARG A CA 1 
ATOM 116 C CA . HIS A 1 116 ? -10.345 -19.934 4.109   1.00 86.85 ? 116 HIS A CA 1 
ATOM 117 C CA . ASP A 1 117 ? -8.031  -19.070 6.974   1.00 85.43 ? 117 ASP A CA 1 
ATOM 118 C CA . HIS A 1 118 ? -4.410  -18.698 5.883   1.00 93.42 ? 118 HIS A CA 1 
ATOM 119 C CA . ALA A 1 119 ? -1.577  -16.243 5.355   1.00 62.92 ? 119 ALA A CA 1 
ATOM 120 C CA . SER A 1 120 ? 0.087   -14.929 2.238   1.00 53.74 ? 120 SER A CA 1 
ATOM 121 C CA . ALA A 1 121 ? 3.857   -14.501 2.130   1.00 38.96 ? 121 ALA A CA 1 
ATOM 122 C CA . TYR A 1 122 ? 4.632   -11.860 -0.470  1.00 50.99 ? 122 TYR A CA 1 
ATOM 123 C CA . LYS A 1 123 ? 7.786   -10.181 -1.647  1.00 31.78 ? 123 LYS A CA 1 
ATOM 124 C CA . ALA A 1 124 ? 7.007   -6.482  -1.981  1.00 55.70 ? 124 ALA A CA 1 
ATOM 125 C CA . HIS A 1 125 ? 9.352   -4.121  -3.830  1.00 29.85 ? 125 HIS A CA 1 
ATOM 126 C CA . THR A 1 126 ? 9.771   -1.201  -6.251  1.00 44.64 ? 126 THR A CA 1 
ATOM 127 C CA . ALA A 1 127 ? 6.523   0.481   -5.226  1.00 67.61 ? 127 ALA A CA 1 
ATOM 128 C CA . SER A 1 128 ? 4.894   3.065   -7.491  1.00 64.05 ? 128 SER A CA 1 
ATOM 129 C CA . LEU A 1 129 ? 2.939   6.142   -6.434  1.00 47.41 ? 129 LEU A CA 1 
ATOM 130 C CA . LYS A 1 130 ? -0.307  7.445   -7.854  1.00 39.88 ? 130 LYS A CA 1 
ATOM 131 C CA . ALA A 1 131 ? -2.499  10.177  -6.451  1.00 44.53 ? 131 ALA A CA 1 
ATOM 132 C CA . LYS A 1 132 ? -5.894  11.728  -7.126  1.00 84.16 ? 132 LYS A CA 1 
ATOM 133 C CA . VAL A 1 133 ? -4.662  15.299  -7.701  1.00 67.65 ? 133 VAL A CA 1 
ATOM 134 C CA . ARG A 1 134 ? -7.035  18.104  -8.777  1.00 74.92 ? 134 ARG A CA 1 
ATOM 135 C CA . VAL A 1 135 ? -5.929  20.850  -11.154 1.00 64.38 ? 135 VAL A CA 1 
ATOM 136 C CA . MET A 1 136 ? -7.446  24.355  -11.338 1.00 73.94 ? 136 MET A CA 1 
ATOM 137 C CA . TYR A 1 137 ? -6.493  27.122  -13.755 1.00 93.93 ? 137 TYR A CA 1 
ATOM 138 C CA . GLY A 1 138 ? -8.840  29.538  -15.482 1.00 99.00 ? 138 GLY A CA 1 
ATOM 139 C CA . ASN A 1 139 ? -11.985 27.432  -15.180 1.00 99.00 ? 139 ASN A CA 1 
ATOM 140 C CA . VAL A 1 140 ? -10.651 23.877  -15.149 1.00 76.43 ? 140 VAL A CA 1 
ATOM 141 C CA . ASN A 1 141 ? -11.971 22.155  -12.032 1.00 66.95 ? 141 ASN A CA 1 
ATOM 142 C CA . GLN A 1 142 ? -10.378 19.002  -13.493 1.00 76.75 ? 142 GLN A CA 1 
ATOM 143 C CA . THR A 1 143 ? -9.637  16.144  -11.108 1.00 92.52 ? 143 THR A CA 1 
ATOM 144 C CA . VAL A 1 144 ? -7.553  13.148  -12.180 1.00 62.44 ? 144 VAL A CA 1 
ATOM 145 C CA . ASP A 1 145 ? -5.774  9.951   -11.171 1.00 55.24 ? 145 ASP A CA 1 
ATOM 146 C CA . VAL A 1 146 ? -2.113  10.220  -12.121 1.00 44.55 ? 146 VAL A CA 1 
ATOM 147 C CA . TYR A 1 147 ? 1.042   8.201   -11.689 1.00 49.08 ? 147 TYR A CA 1 
ATOM 148 C CA . VAL A 1 148 ? 3.695   10.144  -9.794  1.00 45.82 ? 148 VAL A CA 1 
ATOM 149 C CA . ASN A 1 149 ? 6.669   8.914   -11.845 1.00 49.72 ? 149 ASN A CA 1 
ATOM 150 C CA . GLY A 1 150 ? 7.856   11.797  -13.968 1.00 69.51 ? 150 GLY A CA 1 
ATOM 151 C CA . ASP A 1 151 ? 7.358   9.884   -17.217 1.00 89.52 ? 151 ASP A CA 1 
ATOM 152 C CA . HIS A 1 152 ? 3.588   9.878   -17.260 1.00 41.46 ? 152 HIS A CA 1 
ATOM 153 C CA . ALA A 1 153 ? 2.117   12.818  -19.160 1.00 46.73 ? 153 ALA A CA 1 
ATOM 154 C CA . VAL A 1 154 ? -1.578  13.607  -18.749 1.00 56.12 ? 154 VAL A CA 1 
ATOM 155 C CA . THR A 1 155 ? -3.601  16.322  -20.429 1.00 71.70 ? 155 THR A CA 1 
ATOM 156 C CA . ILE A 1 156 ? -5.830  18.147  -17.943 1.00 99.00 ? 156 ILE A CA 1 
ATOM 157 C CA . GLY A 1 157 ? -6.864  21.260  -19.829 1.00 54.10 ? 157 GLY A CA 1 
ATOM 158 C CA . GLY A 1 158 ? -5.244  20.858  -23.179 1.00 78.02 ? 158 GLY A CA 1 
ATOM 159 C CA . THR A 1 159 ? -2.167  21.211  -20.994 1.00 59.18 ? 159 THR A CA 1 
ATOM 160 C CA . GLN A 1 160 ? 0.518   18.537  -20.557 1.00 63.87 ? 160 GLN A CA 1 
ATOM 161 C CA . PHE A 1 161 ? 0.682   18.058  -16.779 1.00 56.27 ? 161 PHE A CA 1 
ATOM 162 C CA . ILE A 1 162 ? 3.329   15.679  -15.481 1.00 65.27 ? 162 ILE A CA 1 
ATOM 163 C CA . PHE A 1 163 ? 4.187   14.744  -11.895 1.00 38.01 ? 163 PHE A CA 1 
ATOM 164 C CA . GLY A 1 164 ? 7.919   13.994  -11.628 1.00 33.32 ? 164 GLY A CA 1 
ATOM 165 C CA . PRO A 1 165 ? 9.206   11.283  -9.333  1.00 44.00 ? 165 PRO A CA 1 
ATOM 166 C CA . LEU A 1 166 ? 8.460   11.817  -5.656  1.00 62.40 ? 166 LEU A CA 1 
ATOM 167 C CA . SER A 1 167 ? 11.282  13.692  -3.894  1.00 61.57 ? 167 SER A CA 1 
ATOM 168 C CA . SER A 1 168 ? 11.401  10.690  -1.548  1.00 67.29 ? 168 SER A CA 1 
ATOM 169 C CA . ALA A 1 169 ? 11.680  6.948   -2.060  1.00 66.93 ? 169 ALA A CA 1 
ATOM 170 C CA . TRP A 1 170 ? 10.372  6.004   1.340   1.00 55.18 ? 170 TRP A CA 1 
ATOM 171 C CA . THR A 1 171 ? 8.090   3.037   1.941   1.00 53.87 ? 171 THR A CA 1 
ATOM 172 C CA . PRO A 1 172 ? 6.528   1.337   4.967   1.00 31.74 ? 172 PRO A CA 1 
ATOM 173 C CA . PHE A 1 173 ? 7.091   -2.079  3.393   1.00 33.38 ? 173 PHE A CA 1 
ATOM 174 C CA . ASP A 1 174 ? 10.084  -4.285  3.695   1.00 34.04 ? 174 ASP A CA 1 
ATOM 175 C CA . ASN A 1 175 ? 11.162  -6.853  1.172   1.00 50.37 ? 175 ASN A CA 1 
ATOM 176 C CA . LYS A 1 176 ? 8.844   -9.426  2.584   1.00 36.10 ? 176 LYS A CA 1 
ATOM 177 C CA . ILE A 1 177 ? 5.432   -8.397  3.798   1.00 45.34 ? 177 ILE A CA 1 
ATOM 178 C CA . VAL A 1 178 ? 2.996   -11.003 5.024   1.00 55.41 ? 178 VAL A CA 1 
ATOM 179 C CA . VAL A 1 179 ? -0.753  -10.581 4.962   1.00 48.72 ? 179 VAL A CA 1 
ATOM 180 C CA . TYR A 1 180 ? -3.335  -12.421 7.032   1.00 59.74 ? 180 TYR A CA 1 
ATOM 181 C CA . LYS A 1 181 ? -6.544  -10.421 7.172   1.00 98.22 ? 181 LYS A CA 1 
ATOM 182 C CA . ASP A 1 182 ? -6.752  -6.695  6.409   1.00 79.24 ? 182 ASP A CA 1 
ATOM 183 C CA . GLU A 1 183 ? -3.333  -6.691  8.111   1.00 53.20 ? 183 GLU A CA 1 
ATOM 184 C CA . VAL A 1 184 ? 0.203   -6.562  6.763   1.00 61.30 ? 184 VAL A CA 1 
ATOM 185 C CA . PHE A 1 185 ? 3.347   -7.688  8.605   1.00 64.35 ? 185 PHE A CA 1 
ATOM 186 C CA . ASN A 1 186 ? 6.866   -6.575  7.851   1.00 54.81 ? 186 ASN A CA 1 
ATOM 187 C CA . GLN A 1 187 ? 7.877   -10.189 8.352   1.00 68.63 ? 187 GLN A CA 1 
ATOM 188 C CA . ASP A 1 188 ? 10.801  -12.230 7.122   1.00 53.11 ? 188 ASP A CA 1 
ATOM 189 C CA . PHE A 1 189 ? 9.317   -15.600 6.267   1.00 34.32 ? 189 PHE A CA 1 
ATOM 190 C CA . PRO A 1 190 ? 11.582  -18.416 5.059   1.00 26.32 ? 190 PRO A CA 1 
ATOM 191 C CA . PRO A 1 191 ? 11.918  -18.907 1.295   1.00 42.89 ? 191 PRO A CA 1 
ATOM 192 C CA . TYR A 1 192 ? 9.734   -21.476 -0.416  1.00 45.17 ? 192 TYR A CA 1 
ATOM 193 C CA . GLY A 1 193 ? 11.030  -24.946 0.235   1.00 46.35 ? 193 GLY A CA 1 
ATOM 194 C CA . SER A 1 194 ? 12.849  -24.161 3.433   1.00 57.38 ? 194 SER A CA 1 
ATOM 195 C CA . GLY A 1 195 ? 10.073  -23.928 5.959   1.00 50.95 ? 195 GLY A CA 1 
ATOM 196 C CA . GLN A 1 196 ? 11.005  -25.015 9.451   1.00 42.79 ? 196 GLN A CA 1 
ATOM 197 C CA . PRO A 1 197 ? 9.085   -27.072 12.036  1.00 55.87 ? 197 PRO A CA 1 
ATOM 198 C CA . GLY A 1 198 ? 9.383   -24.008 14.130  1.00 65.22 ? 198 GLY A CA 1 
ATOM 199 C CA . ARG A 1 199 ? 6.882   -21.449 12.985  1.00 88.96 ? 199 ARG A CA 1 
ATOM 200 C CA . PHE A 1 200 ? 5.095   -19.746 10.097  1.00 65.93 ? 200 PHE A CA 1 
ATOM 201 C CA . GLY A 1 201 ? 5.942   -21.659 6.971   1.00 42.03 ? 201 GLY A CA 1 
ATOM 202 C CA . ASP A 1 202 ? 6.425   -25.106 8.487   1.00 43.39 ? 202 ASP A CA 1 
ATOM 203 C CA . ILE A 1 203 ? 4.165   -25.965 5.575   1.00 47.07 ? 203 ILE A CA 1 
ATOM 204 C CA . GLN A 1 204 ? 3.746   -23.948 2.399   1.00 50.15 ? 204 GLN A CA 1 
ATOM 205 C CA . SER A 1 205 ? 1.878   -23.964 -0.902  1.00 30.75 ? 205 SER A CA 1 
ATOM 206 C CA . ARG A 1 206 ? 2.575   -21.525 -3.742  1.00 26.51 ? 206 ARG A CA 1 
ATOM 207 C CA . THR A 1 207 ? -1.103  -20.446 -3.910  1.00 42.31 ? 207 THR A CA 1 
ATOM 208 C CA . VAL A 1 208 ? -4.217  -21.516 -2.005  1.00 40.95 ? 208 VAL A CA 1 
ATOM 209 C CA . GLU A 1 209 ? -5.760  -23.664 -4.712  1.00 76.40 ? 209 GLU A CA 1 
ATOM 210 C CA . SER A 1 210 ? -2.318  -24.835 -5.701  1.00 55.31 ? 210 SER A CA 1 
ATOM 211 C CA . ASN A 1 211 ? -1.696  -28.569 -5.542  1.00 52.76 ? 211 ASN A CA 1 
ATOM 212 C CA . ASP A 1 212 ? 1.917   -28.867 -4.439  1.00 62.50 ? 212 ASP A CA 1 
ATOM 213 C CA . LEU A 1 213 ? 2.812   -28.369 -0.822  1.00 31.48 ? 213 LEU A CA 1 
ATOM 214 C CA . TYR A 1 214 ? 6.130   -28.387 0.978   1.00 42.12 ? 214 TYR A CA 1 
ATOM 215 C CA . ALA A 1 215 ? 6.108   -29.279 4.618   1.00 46.22 ? 215 ALA A CA 1 
ATOM 216 C CA . ASN A 1 216 ? 8.545   -29.817 7.431   1.00 40.51 ? 216 ASN A CA 1 
ATOM 217 C CA . THR A 1 217 ? 6.854   -30.472 10.729  1.00 62.91 ? 217 THR A CA 1 
ATOM 218 C CA . ALA A 1 218 ? 9.459   -32.732 12.256  1.00 45.27 ? 218 ALA A CA 1 
ATOM 219 C CA . LEU A 1 219 ? 7.021   -35.480 11.439  1.00 59.90 ? 219 LEU A CA 1 
ATOM 220 C CA . LYS A 1 220 ? 8.788   -38.503 12.841  1.00 33.42 ? 220 LYS A CA 1 
ATOM 221 C CA . LEU A 1 221 ? 7.532   -42.071 13.179  1.00 42.27 ? 221 LEU A CA 1 
ATOM 222 C CA . ALA A 1 222 ? 8.252   -44.381 16.114  1.00 32.42 ? 222 ALA A CA 1 
ATOM 223 C CA . ARG A 1 223 ? 8.443   -48.059 17.006  1.00 52.83 ? 223 ARG A CA 1 
ATOM 224 C CA . PRO A 1 224 ? 5.115   -49.586 18.135  1.00 54.97 ? 224 PRO A CA 1 
ATOM 225 C CA . SER A 1 225 ? 5.360   -51.399 21.463  1.00 73.41 ? 225 SER A CA 1 
ATOM 226 C CA . PRO A 1 226 ? 3.615   -54.794 21.994  1.00 68.82 ? 226 PRO A CA 1 
ATOM 227 C CA . GLY A 1 227 ? 0.008   -54.253 22.989  1.00 80.33 ? 227 GLY A CA 1 
ATOM 228 C CA . MET A 1 228 ? -2.365  -53.597 20.143  1.00 56.52 ? 228 MET A CA 1 
ATOM 229 C CA . VAL A 1 229 ? -1.176  -52.234 16.821  1.00 48.84 ? 229 VAL A CA 1 
ATOM 230 C CA . HIS A 1 230 ? -0.697  -48.540 16.233  1.00 47.25 ? 230 HIS A CA 1 
ATOM 231 C CA . VAL A 1 231 ? 1.608   -46.210 14.338  1.00 51.25 ? 231 VAL A CA 1 
ATOM 232 C CA . PRO A 1 232 ? 2.923   -43.722 16.914  1.00 57.39 ? 232 PRO A CA 1 
ATOM 233 C CA . TYR A 1 233 ? 4.809   -40.693 15.763  1.00 62.80 ? 233 TYR A CA 1 
ATOM 234 C CA . THR A 1 234 ? 6.178   -37.426 17.071  1.00 59.00 ? 234 THR A CA 1 
ATOM 235 C CA . GLN A 1 235 ? 5.510   -34.079 15.503  1.00 59.18 ? 235 GLN A CA 1 
ATOM 236 C CA . THR A 1 236 ? 6.125   -30.417 16.214  1.00 47.93 ? 236 THR A CA 1 
ATOM 237 C CA . PRO A 1 237 ? 2.833   -28.481 16.666  1.00 49.74 ? 237 PRO A CA 1 
ATOM 238 C CA . SER A 1 238 ? 1.543   -26.435 13.720  1.00 48.37 ? 238 SER A CA 1 
ATOM 239 C CA . GLY A 1 239 ? 4.000   -23.667 13.007  1.00 50.63 ? 239 GLY A CA 1 
ATOM 240 C CA . PHE A 1 240 ? 1.162   -21.542 11.713  1.00 57.09 ? 240 PHE A CA 1 
ATOM 241 C CA . LYS A 1 241 ? -1.006  -21.921 14.805  1.00 84.97 ? 241 LYS A CA 1 
ATOM 242 C CA . TYR A 1 242 ? 2.072   -20.684 16.659  1.00 78.46 ? 242 TYR A CA 1 
ATOM 243 C CA . TRP A 1 243 ? 2.827   -17.669 14.463  1.00 96.34 ? 243 TRP A CA 1 
ATOM 244 C CA . LEU A 1 244 ? -0.421  -16.242 15.863  1.00 68.06 ? 244 LEU A CA 1 
ATOM 245 C CA . LYS A 1 245 ? 1.925   -15.147 18.663  1.00 88.96 ? 245 LYS A CA 1 
ATOM 246 C CA . GLU A 1 246 ? 4.928   -13.658 16.868  1.00 99.00 ? 246 GLU A CA 1 
ATOM 247 C CA . LYS A 1 247 ? 2.375   -11.793 14.769  1.00 99.00 ? 247 LYS A CA 1 
ATOM 248 C CA . GLY A 1 248 ? 2.133   -8.455  16.536  1.00 98.83 ? 248 GLY A CA 1 
ATOM 249 C CA . THR A 1 249 ? 4.179   -5.703  14.913  1.00 99.00 ? 249 THR A CA 1 
ATOM 250 C CA . ALA A 1 250 ? 0.960   -5.046  13.003  1.00 63.24 ? 250 ALA A CA 1 
ATOM 251 C CA . LEU A 1 251 ? 2.349   -2.750  10.320  1.00 58.73 ? 251 LEU A CA 1 
ATOM 252 C CA . ASN A 1 252 ? -1.227  -1.418  10.156  1.00 92.87 ? 252 ASN A CA 1 
ATOM 253 C CA . THR A 1 253 ? -0.732  0.426   13.466  1.00 95.32 ? 253 THR A CA 1 
ATOM 254 C CA . LYS A 1 254 ? 2.733   1.983   12.942  1.00 98.94 ? 254 LYS A CA 1 
ATOM 255 C CA . ALA A 1 255 ? 0.890   4.428   10.660  1.00 91.83 ? 255 ALA A CA 1 
ATOM 256 C CA . PRO A 1 256 ? 3.745   6.982   10.253  1.00 51.59 ? 256 PRO A CA 1 
ATOM 257 C CA . PHE A 1 257 ? 3.455   10.250  8.321   1.00 55.02 ? 257 PHE A CA 1 
ATOM 258 C CA . GLY A 1 258 ? -0.249  9.522   8.482   1.00 52.13 ? 258 GLY A CA 1 
ATOM 259 C CA . CYS A 1 259 ? 0.338   6.449   6.322   1.00 56.62 ? 259 CYS A CA 1 
ATOM 260 C CA . GLN A 1 260 ? -2.826  4.360   6.018   1.00 82.02 ? 260 GLN A CA 1 
ATOM 261 C CA . ILE A 1 261 ? -2.110  0.672   5.524   1.00 45.94 ? 261 ILE A CA 1 
ATOM 262 C CA . LYS A 1 262 ? -4.663  -1.321  3.525   1.00 79.86 ? 262 LYS A CA 1 
ATOM 263 C CA . THR A 1 263 ? -4.807  -4.895  2.208   1.00 75.95 ? 263 THR A CA 1 
ATOM 264 C CA . ASN A 1 264 ? -6.197  -6.404  -0.965  1.00 99.00 ? 264 ASN A CA 1 
ATOM 265 C CA . PRO A 1 265 ? -3.851  -4.362  -2.959  1.00 68.92 ? 265 PRO A CA 1 
ATOM 266 C CA . VAL A 1 266 ? -1.485  -3.899  0.009   1.00 51.47 ? 266 VAL A CA 1 
ATOM 267 C CA . ARG A 1 267 ? -1.013  -0.141  -0.039  1.00 61.94 ? 267 ARG A CA 1 
ATOM 268 C CA . ALA A 1 268 ? -0.160  2.937   2.031   1.00 47.34 ? 268 ALA A CA 1 
ATOM 269 C CA . MET A 1 269 ? -2.578  5.774   1.536   1.00 37.13 ? 269 MET A CA 1 
ATOM 270 C CA . ASN A 1 270 ? -2.234  9.498   1.970   1.00 86.05 ? 270 ASN A CA 1 
ATOM 271 C CA . CYS A 1 271 ? 1.190   9.244   3.558   1.00 68.11 ? 271 CYS A CA 1 
ATOM 272 C CA . ALA A 1 272 ? 2.506   12.809  3.773   1.00 85.85 ? 272 ALA A CA 1 
ATOM 273 C CA . VAL A 1 273 ? 6.017   12.394  2.397   1.00 42.70 ? 273 VAL A CA 1 
ATOM 274 C CA . GLY A 1 274 ? 8.239   14.215  -0.059  1.00 47.81 ? 274 GLY A CA 1 
ATOM 275 C CA . ASN A 1 275 ? 7.534   16.682  -2.830  1.00 53.73 ? 275 ASN A CA 1 
ATOM 276 C CA . ILE A 1 276 ? 5.636   16.195  -6.083  1.00 67.03 ? 276 ILE A CA 1 
ATOM 277 C CA . PRO A 1 277 ? 7.497   18.114  -8.930  1.00 43.06 ? 277 PRO A CA 1 
ATOM 278 C CA . VAL A 1 278 ? 4.672   18.933  -11.366 1.00 31.64 ? 278 VAL A CA 1 
ATOM 279 C CA . SER A 1 279 ? 5.471   20.276  -14.861 1.00 74.07 ? 279 SER A CA 1 
ATOM 280 C CA . MET A 1 280 ? 3.257   21.568  -17.646 1.00 70.05 ? 280 MET A CA 1 
ATOM 281 C CA . ASN A 1 281 ? 3.065   22.864  -21.223 1.00 98.90 ? 281 ASN A CA 1 
ATOM 282 C CA . LEU A 1 282 ? 0.244   25.374  -21.446 1.00 76.97 ? 282 LEU A CA 1 
ATOM 283 C CA . PRO A 1 283 ? -1.180  26.837  -24.618 1.00 81.49 ? 283 PRO A CA 1 
ATOM 284 C CA . ASP A 1 284 ? -0.726  30.586  -25.240 1.00 84.12 ? 284 ASP A CA 1 
ATOM 285 C CA . SER A 1 285 ? -4.494  30.528  -24.614 1.00 67.61 ? 285 SER A CA 1 
ATOM 286 C CA . ALA A 1 286 ? -4.746  29.109  -21.099 1.00 99.00 ? 286 ALA A CA 1 
ATOM 287 C CA . PHE A 1 287 ? -2.784  32.276  -20.370 1.00 97.66 ? 287 PHE A CA 1 
ATOM 288 C CA . THR A 1 288 ? -5.940  34.280  -21.092 1.00 56.32 ? 288 THR A CA 1 
ATOM 289 C CA . ARG A 1 289 ? -6.433  38.048  -20.990 1.00 57.74 ? 289 ARG A CA 1 
ATOM 290 C CA . ILE A 1 290 ? -3.044  38.347  -22.737 1.00 99.00 ? 290 ILE A CA 1 
ATOM 291 C CA . VAL A 1 291 ? -3.021  42.101  -22.037 1.00 85.04 ? 291 VAL A CA 1 
ATOM 292 C CA . GLU A 1 292 ? -5.094  43.860  -24.667 1.00 99.00 ? 292 GLU A CA 1 
ATOM 293 C CA . ALA A 1 293 ? -7.980  42.118  -22.922 1.00 99.00 ? 293 ALA A CA 1 
ATOM 294 C CA . PRO A 1 294 ? -8.612  43.662  -19.466 1.00 98.94 ? 294 PRO A CA 1 
ATOM 295 C CA . THR A 1 295 ? -7.043  46.852  -17.984 1.00 99.00 ? 295 THR A CA 1 
ATOM 296 C CA . ILE A 1 296 ? -7.844  47.341  -14.302 1.00 97.67 ? 296 ILE A CA 1 
ATOM 297 C CA . ILE A 1 297 ? -7.338  50.927  -13.146 1.00 93.54 ? 297 ILE A CA 1 
ATOM 298 C CA . ASP A 1 298 ? -6.304  52.060  -9.673  1.00 97.17 ? 298 ASP A CA 1 
ATOM 299 C CA . LEU A 1 299 ? -7.081  49.218  -7.272  1.00 92.10 ? 299 LEU A CA 1 
ATOM 300 C CA . THR A 1 300 ? -8.655  49.593  -3.840  1.00 98.50 ? 300 THR A CA 1 
ATOM 301 C CA . CYS A 1 301 ? -8.702  47.104  -0.976  1.00 99.00 ? 301 CYS A CA 1 
ATOM 302 C CA . THR A 1 302 ? -9.671  47.320  2.680   1.00 99.00 ? 302 THR A CA 1 
ATOM 303 C CA . VAL A 1 303 ? -10.148 44.604  5.296   1.00 99.00 ? 303 VAL A CA 1 
ATOM 304 C CA . ALA A 1 304 ? -13.352 44.263  7.302   1.00 99.00 ? 304 ALA A CA 1 
ATOM 305 C CA . THR A 1 305 ? -14.235 40.910  8.887   1.00 99.00 ? 305 THR A CA 1 
ATOM 306 C CA . CYS A 1 306 ? -10.886 39.273  9.578   1.00 93.08 ? 306 CYS A CA 1 
ATOM 307 C CA . THR A 1 307 ? -10.887 36.500  12.164  1.00 99.00 ? 307 THR A CA 1 
ATOM 308 C CA . HIS A 1 308 ? -7.522  35.452  13.620  1.00 99.00 ? 308 HIS A CA 1 
ATOM 309 C CA . SER A 1 309 ? -8.176  32.200  11.680  1.00 92.17 ? 309 SER A CA 1 
ATOM 310 C CA . VAL A 1 315 ? -13.153 40.562  4.665   1.00 99.00 ? 315 VAL A CA 1 
ATOM 311 C CA . LEU A 1 316 ? -11.359 41.950  1.598   1.00 99.00 ? 316 LEU A CA 1 
ATOM 312 C CA . THR A 1 317 ? -12.844 44.775  -0.452  1.00 99.00 ? 317 THR A CA 1 
ATOM 313 C CA . LEU A 1 318 ? -10.820 44.679  -3.689  1.00 99.00 ? 318 LEU A CA 1 
ATOM 314 C CA . THR A 1 319 ? -12.406 47.420  -5.837  1.00 99.00 ? 319 THR A CA 1 
ATOM 315 C CA . TYR A 1 320 ? -11.434 48.757  -9.266  1.00 99.00 ? 320 TYR A CA 1 
ATOM 316 C CA . LYS A 1 321 ? -12.766 50.006  -12.606 1.00 98.24 ? 321 LYS A CA 1 
ATOM 317 C CA . THR A 1 322 ? -12.083 49.168  -16.239 1.00 94.45 ? 322 THR A CA 1 
ATOM 318 C CA . ASN A 1 323 ? -13.565 47.549  -19.339 1.00 91.96 ? 323 ASN A CA 1 
ATOM 319 C CA . LYS A 1 324 ? -15.419 44.226  -19.125 1.00 99.00 ? 324 LYS A CA 1 
ATOM 320 C CA . ASN A 1 325 ? -15.091 42.075  -15.993 1.00 99.00 ? 325 ASN A CA 1 
ATOM 321 C CA . GLY A 1 326 ? -13.544 39.008  -17.628 1.00 99.00 ? 326 GLY A CA 1 
ATOM 322 C CA . ASP A 1 327 ? -11.126 36.541  -16.095 1.00 98.03 ? 327 ASP A CA 1 
ATOM 323 C CA . CYS A 1 328 ? -8.815  38.145  -13.555 1.00 94.27 ? 328 CYS A CA 1 
ATOM 324 C CA . SER A 1 329 ? -6.516  35.805  -11.654 1.00 89.83 ? 329 SER A CA 1 
ATOM 325 C CA . VAL A 1 330 ? -5.904  36.904  -8.065  1.00 77.52 ? 330 VAL A CA 1 
ATOM 326 C CA . HIS A 1 331 ? -3.023  36.267  -5.702  1.00 99.00 ? 331 HIS A CA 1 
ATOM 327 C CA . SER A 1 332 ? -1.432  37.261  -2.402  1.00 77.99 ? 332 SER A CA 1 
ATOM 328 C CA . HIS A 1 333 ? 2.206   38.117  -3.081  1.00 89.87 ? 333 HIS A CA 1 
ATOM 329 C CA . SER A 1 334 ? 2.772   38.318  0.678   1.00 90.66 ? 334 SER A CA 1 
ATOM 330 C CA . ASN A 1 335 ? 3.912   35.182  2.461   1.00 89.59 ? 335 ASN A CA 1 
ATOM 331 C CA . VAL A 1 336 ? 1.392   36.018  5.217   1.00 73.86 ? 336 VAL A CA 1 
ATOM 332 C CA . ALA A 1 337 ? -2.290  35.749  4.238   1.00 96.89 ? 337 ALA A CA 1 
ATOM 333 C CA . THR A 1 338 ? -3.616  33.991  1.148   1.00 79.87 ? 338 THR A CA 1 
ATOM 334 C CA . LEU A 1 339 ? -6.962  34.521  -0.571  1.00 94.49 ? 339 LEU A CA 1 
ATOM 335 C CA . GLN A 1 340 ? -9.424  31.600  -0.597  1.00 97.76 ? 340 GLN A CA 1 
ATOM 336 C CA . GLU A 1 341 ? -10.413 32.664  -4.082  1.00 92.27 ? 341 GLU A CA 1 
ATOM 337 C CA . ALA A 1 342 ? -8.024  32.491  -7.026  1.00 88.50 ? 342 ALA A CA 1 
ATOM 338 C CA . THR A 1 343 ? -10.136 34.038  -9.769  1.00 90.40 ? 343 THR A CA 1 
ATOM 339 C CA . ALA A 1 344 ? -12.929 36.602  -9.921  1.00 99.00 ? 344 ALA A CA 1 
ATOM 340 C CA . LYS A 1 345 ? -14.767 39.111  -12.144 1.00 99.00 ? 345 LYS A CA 1 
ATOM 341 C CA . VAL A 1 352 ? -16.591 47.235  -11.090 1.00 99.00 ? 352 VAL A CA 1 
ATOM 342 C CA . THR A 1 353 ? -15.645 45.610  -7.740  1.00 99.00 ? 353 THR A CA 1 
ATOM 343 C CA . LEU A 1 354 ? -15.039 42.254  -5.989  1.00 99.00 ? 354 LEU A CA 1 
ATOM 344 C CA . HIS A 1 355 ? -14.879 40.775  -2.476  1.00 99.00 ? 355 HIS A CA 1 
ATOM 345 C CA . PHE A 1 356 ? -12.470 37.969  -1.550  1.00 99.00 ? 356 PHE A CA 1 
ATOM 346 C CA . SER A 1 357 ? -11.677 36.121  1.655   1.00 98.63 ? 357 SER A CA 1 
ATOM 347 C CA . THR A 1 358 ? -8.291  35.329  3.191   1.00 89.79 ? 358 THR A CA 1 
ATOM 348 C CA . ALA A 1 359 ? -6.565  33.765  6.181   1.00 64.83 ? 359 ALA A CA 1 
ATOM 349 C CA . SER A 1 360 ? -3.789  34.922  8.559   1.00 99.00 ? 360 SER A CA 1 
ATOM 350 C CA . ALA A 1 361 ? -2.997  37.253  11.519  1.00 99.00 ? 361 ALA A CA 1 
ATOM 351 C CA . SER A 1 362 ? -2.311  40.961  12.245  1.00 99.00 ? 362 SER A CA 1 
ATOM 352 C CA . PRO A 1 363 ? -0.133  42.579  9.464   1.00 99.00 ? 363 PRO A CA 1 
ATOM 353 C CA . SER A 1 364 ? -0.871  43.657  5.870   1.00 99.00 ? 364 SER A CA 1 
ATOM 354 C CA . PHE A 1 365 ? -0.455  41.918  2.534   1.00 98.67 ? 365 PHE A CA 1 
ATOM 355 C CA . VAL A 1 366 ? -0.310  42.692  -1.215  1.00 69.37 ? 366 VAL A CA 1 
ATOM 356 C CA . VAL A 1 367 ? -2.989  41.239  -3.492  1.00 93.12 ? 367 VAL A CA 1 
ATOM 357 C CA . SER A 1 368 ? -3.561  41.853  -7.190  1.00 98.94 ? 368 SER A CA 1 
ATOM 358 C CA . LEU A 1 369 ? -7.133  42.083  -8.488  1.00 99.00 ? 369 LEU A CA 1 
ATOM 359 C CA . CYS A 1 370 ? -5.603  41.308  -11.892 1.00 61.14 ? 370 CYS A CA 1 
ATOM 360 C CA . SER A 1 371 ? -2.512  42.867  -13.369 1.00 67.91 ? 371 SER A CA 1 
ATOM 361 C CA . ALA A 1 372 ? -2.789  45.726  -10.886 1.00 99.00 ? 372 ALA A CA 1 
ATOM 362 C CA . ARG A 1 373 ? -1.855  45.420  -7.203  1.00 98.06 ? 373 ARG A CA 1 
ATOM 363 C CA . ALA A 1 374 ? -2.535  46.810  -3.714  1.00 90.91 ? 374 ALA A CA 1 
ATOM 364 C CA . THR A 1 375 ? -1.574  46.205  -0.056  1.00 98.45 ? 375 THR A CA 1 
ATOM 365 C CA . CYS A 1 376 ? -5.075  46.162  1.517   1.00 99.00 ? 376 CYS A CA 1 
ATOM 366 C CA . SER A 1 377 ? -5.790  46.694  5.238   1.00 99.00 ? 377 SER A CA 1 
ATOM 367 C CA . ALA A 1 378 ? -5.619  44.542  8.415   1.00 99.00 ? 378 ALA A CA 1 
ATOM 368 C CA . SER A 1 379 ? -8.593  44.431  10.824  1.00 99.00 ? 379 SER A CA 1 
ATOM 369 C CA . CYS A 1 380 ? -7.032  41.702  13.002  1.00 99.00 ? 380 CYS A CA 1 
# 
